data_1PP8
#
_entry.id   1PP8
#
_cell.length_a   292.000
_cell.length_b   292.000
_cell.length_c   292.000
_cell.angle_alpha   90.00
_cell.angle_beta   90.00
_cell.angle_gamma   90.00
#
_symmetry.space_group_name_H-M   'F 2 3'
#
loop_
_entity.id
_entity.type
_entity.pdbx_description
1 polymer 'ALPHA-SCS INR'
2 polymer 'ALPHA-SCS INR'
3 polymer '39 kDa initiator binding protein'
4 non-polymer 'SULFATE ION'
#
loop_
_entity_poly.entity_id
_entity_poly.type
_entity_poly.pdbx_seq_one_letter_code
_entity_poly.pdbx_strand_id
1 'polydeoxyribonucleotide' (DG)(DT)(DC)(DA)(DC)(DT)(DT)(DC)(DA)(DC)(DA)(DT) E,I,Y,K
2 'polydeoxyribonucleotide' (DC)(DA)(DT)(DG)(DT)(DG)(DA)(DA)(DG)(DT)(DG)(DA) T,R,J,G
3 'polypeptide(L)'
;MDSNDLEASFTSRLPPEIVAALKRKSSRDPNSRFPRKLHMLLTYLASNPQLEEEIGLSWISDTEFKMKKKNVALVMGIKL
NTLNVNLRDLAFEQLQHDKGGWTQWKRSGFTRNSVFEDPTQNDSPMHHHHHH
;
U,P,F,V,M,O
#
loop_
_chem_comp.id
_chem_comp.type
_chem_comp.name
_chem_comp.formula
DA DNA linking 2'-DEOXYADENOSINE-5'-MONOPHOSPHATE 'C10 H14 N5 O6 P'
DC DNA linking 2'-DEOXYCYTIDINE-5'-MONOPHOSPHATE 'C9 H14 N3 O7 P'
DG DNA linking 2'-DEOXYGUANOSINE-5'-MONOPHOSPHATE 'C10 H14 N5 O7 P'
DT DNA linking THYMIDINE-5'-MONOPHOSPHATE 'C10 H15 N2 O8 P'
SO4 non-polymer 'SULFATE ION' 'O4 S -2'
#
# COMPACT_ATOMS: atom_id res chain seq x y z
N ASP I 2 -10.92 29.31 6.34
CA ASP I 2 -11.43 28.90 4.99
C ASP I 2 -10.63 27.71 4.45
N SER I 3 -9.40 27.55 4.94
CA SER I 3 -8.57 26.42 4.51
C SER I 3 -9.20 25.19 5.18
N ASN I 4 -9.87 25.46 6.31
CA ASN I 4 -10.53 24.44 7.12
C ASN I 4 -12.05 24.43 6.96
N ASP I 5 -12.64 25.59 6.74
CA ASP I 5 -14.08 25.62 6.57
C ASP I 5 -14.44 24.52 5.56
N LEU I 6 -13.60 24.39 4.54
CA LEU I 6 -13.80 23.39 3.52
C LEU I 6 -13.95 22.03 4.15
N GLU I 7 -13.35 21.85 5.32
CA GLU I 7 -13.43 20.59 6.04
C GLU I 7 -14.85 20.38 6.52
N ALA I 8 -15.38 21.43 7.13
CA ALA I 8 -16.73 21.39 7.61
C ALA I 8 -17.61 20.96 6.46
N SER I 9 -17.70 21.76 5.41
CA SER I 9 -18.56 21.33 4.34
C SER I 9 -18.30 19.89 3.92
N PHE I 10 -17.10 19.38 4.18
CA PHE I 10 -16.91 17.99 3.82
C PHE I 10 -17.50 17.13 4.92
N THR I 11 -16.83 17.03 6.06
CA THR I 11 -17.37 16.16 7.10
C THR I 11 -18.89 16.28 7.16
N SER I 12 -19.39 17.50 7.32
CA SER I 12 -20.84 17.75 7.39
C SER I 12 -21.62 17.06 6.27
N ARG I 13 -21.35 17.50 5.06
CA ARG I 13 -22.01 16.95 3.91
C ARG I 13 -21.79 15.43 3.76
N LEU I 14 -21.15 14.75 4.71
CA LEU I 14 -20.98 13.32 4.50
C LEU I 14 -21.37 12.48 5.73
N PRO I 15 -21.86 11.23 5.51
CA PRO I 15 -22.34 10.16 6.40
C PRO I 15 -21.74 10.11 7.81
N PRO I 16 -22.53 10.49 8.84
CA PRO I 16 -22.14 10.53 10.26
C PRO I 16 -21.49 9.31 10.86
N GLU I 17 -21.76 8.14 10.27
CA GLU I 17 -21.12 6.90 10.74
C GLU I 17 -19.65 7.00 10.33
N ILE I 18 -19.44 7.20 9.02
CA ILE I 18 -18.12 7.35 8.43
C ILE I 18 -17.35 8.39 9.20
N VAL I 19 -17.91 9.58 9.31
CA VAL I 19 -17.26 10.65 10.04
C VAL I 19 -16.59 10.14 11.26
N ALA I 20 -17.30 9.37 12.07
CA ALA I 20 -16.71 8.84 13.28
C ALA I 20 -15.67 7.82 12.89
N ALA I 21 -16.02 6.95 11.94
CA ALA I 21 -15.08 5.93 11.45
C ALA I 21 -13.71 6.56 11.45
N LEU I 22 -13.55 7.52 10.54
CA LEU I 22 -12.35 8.28 10.36
C LEU I 22 -11.79 8.76 11.68
N LYS I 23 -12.59 9.53 12.40
CA LYS I 23 -12.23 10.12 13.69
C LYS I 23 -11.73 9.20 14.79
N ARG I 24 -11.75 7.90 14.56
CA ARG I 24 -11.29 6.98 15.60
C ARG I 24 -9.81 6.73 15.69
N LYS I 25 -9.14 7.45 16.58
CA LYS I 25 -7.70 7.27 16.80
C LYS I 25 -7.27 5.82 16.54
N SER I 26 -6.18 5.63 15.81
CA SER I 26 -5.67 4.31 15.46
C SER I 26 -5.56 3.35 16.64
N SER I 27 -6.33 2.27 16.57
CA SER I 27 -6.34 1.24 17.62
C SER I 27 -5.59 -0.02 17.22
N ARG I 28 -5.62 -1.00 18.11
CA ARG I 28 -5.00 -2.28 17.83
C ARG I 28 -5.89 -2.86 16.72
N ASP I 29 -7.18 -2.52 16.74
CA ASP I 29 -8.26 -3.02 15.88
C ASP I 29 -8.01 -2.63 14.43
N PRO I 30 -7.80 -3.67 13.53
CA PRO I 30 -7.59 -3.60 12.08
C PRO I 30 -8.60 -2.86 11.22
N ASN I 31 -9.46 -2.07 11.83
CA ASN I 31 -10.44 -1.34 11.06
C ASN I 31 -10.30 0.09 11.46
N SER I 32 -9.34 0.35 12.34
CA SER I 32 -9.07 1.71 12.75
C SER I 32 -7.64 2.07 12.29
N ARG I 33 -7.09 1.26 11.38
CA ARG I 33 -5.78 1.57 10.83
C ARG I 33 -6.04 2.25 9.47
N PHE I 34 -5.12 3.14 9.11
CA PHE I 34 -5.20 3.89 7.86
C PHE I 34 -5.74 3.06 6.70
N PRO I 35 -4.91 2.22 6.13
CA PRO I 35 -5.34 1.39 5.01
C PRO I 35 -6.82 1.18 4.91
N ARG I 36 -7.40 0.77 6.03
CA ARG I 36 -8.83 0.51 6.09
C ARG I 36 -9.55 1.82 6.05
N LYS I 37 -9.23 2.70 6.98
CA LYS I 37 -9.91 3.97 7.02
C LYS I 37 -9.96 4.66 5.67
N LEU I 38 -8.94 4.45 4.84
CA LEU I 38 -8.93 5.03 3.50
C LEU I 38 -9.95 4.27 2.72
N HIS I 39 -9.69 2.97 2.51
CA HIS I 39 -10.60 2.11 1.76
C HIS I 39 -12.07 2.36 2.06
N MET I 40 -12.37 2.85 3.26
CA MET I 40 -13.74 3.18 3.59
C MET I 40 -14.09 4.27 2.60
N LEU I 41 -13.66 5.49 2.93
CA LEU I 41 -13.89 6.67 2.10
C LEU I 41 -13.87 6.29 0.64
N LEU I 42 -12.79 5.66 0.27
CA LEU I 42 -12.57 5.28 -1.10
C LEU I 42 -13.74 4.54 -1.72
N THR I 43 -14.55 3.89 -0.91
CA THR I 43 -15.67 3.15 -1.48
C THR I 43 -16.87 4.01 -1.46
N TYR I 44 -17.20 4.52 -0.29
CA TYR I 44 -18.36 5.36 -0.21
C TYR I 44 -18.39 6.28 -1.41
N LEU I 45 -17.45 7.19 -1.45
CA LEU I 45 -17.40 8.10 -2.55
C LEU I 45 -17.80 7.42 -3.84
N ALA I 46 -17.38 6.19 -4.05
CA ALA I 46 -17.74 5.50 -5.30
C ALA I 46 -19.24 5.56 -5.62
N SER I 47 -20.02 5.69 -4.55
CA SER I 47 -21.47 5.77 -4.62
C SER I 47 -21.90 7.17 -4.98
N ASN I 48 -21.39 8.15 -4.23
CA ASN I 48 -21.71 9.57 -4.40
C ASN I 48 -20.80 10.42 -5.33
N PRO I 49 -20.92 10.29 -6.62
CA PRO I 49 -20.09 11.05 -7.54
C PRO I 49 -19.84 12.51 -7.23
N GLN I 50 -20.69 13.16 -6.44
CA GLN I 50 -20.40 14.56 -6.18
C GLN I 50 -19.18 14.65 -5.31
N LEU I 51 -19.23 14.15 -4.09
CA LEU I 51 -18.03 14.21 -3.29
C LEU I 51 -16.84 13.57 -3.99
N GLU I 52 -17.09 12.46 -4.62
CA GLU I 52 -16.01 11.80 -5.31
C GLU I 52 -15.23 12.88 -6.08
N GLU I 53 -15.92 13.97 -6.41
CA GLU I 53 -15.32 15.07 -7.16
C GLU I 53 -14.76 16.15 -6.28
N GLU I 54 -15.54 16.73 -5.40
CA GLU I 54 -14.98 17.80 -4.60
C GLU I 54 -13.81 17.20 -3.86
N ILE I 55 -14.05 16.26 -2.96
CA ILE I 55 -12.91 15.71 -2.29
C ILE I 55 -11.83 15.28 -3.28
N GLY I 56 -12.17 14.46 -4.28
CA GLY I 56 -11.19 13.97 -5.24
C GLY I 56 -10.45 12.81 -4.64
N LEU I 57 -10.88 11.58 -4.92
CA LEU I 57 -10.34 10.35 -4.31
C LEU I 57 -11.13 9.19 -4.88
N SER I 58 -10.60 8.34 -5.75
CA SER I 58 -11.41 7.27 -6.30
C SER I 58 -10.66 6.37 -7.27
N TRP I 59 -11.26 5.25 -7.66
CA TRP I 59 -10.60 4.26 -8.50
C TRP I 59 -10.47 4.55 -9.96
N ILE I 60 -9.52 3.88 -10.61
CA ILE I 60 -9.31 4.01 -12.06
C ILE I 60 -9.31 2.61 -12.64
N SER I 61 -9.02 1.65 -11.77
CA SER I 61 -8.96 0.24 -12.10
C SER I 61 -9.38 -0.40 -10.80
N ASP I 62 -9.57 -1.71 -10.79
CA ASP I 62 -9.96 -2.32 -9.53
C ASP I 62 -8.72 -2.37 -8.64
N THR I 63 -7.57 -2.26 -9.28
CA THR I 63 -6.29 -2.31 -8.59
C THR I 63 -5.73 -1.00 -8.04
N GLU I 64 -5.95 0.11 -8.73
CA GLU I 64 -5.40 1.42 -8.33
C GLU I 64 -6.35 2.61 -8.20
N PHE I 65 -5.92 3.69 -7.53
CA PHE I 65 -6.78 4.86 -7.36
C PHE I 65 -6.06 6.17 -7.44
N LYS I 66 -6.79 7.28 -7.61
CA LYS I 66 -6.22 8.63 -7.73
C LYS I 66 -6.82 9.56 -6.69
N MET I 67 -6.06 10.52 -6.16
CA MET I 67 -6.64 11.40 -5.15
C MET I 67 -6.04 12.79 -5.14
N LYS I 68 -6.72 13.71 -4.48
CA LYS I 68 -6.18 15.05 -4.31
C LYS I 68 -5.74 15.19 -2.83
N LYS I 69 -4.59 14.61 -2.45
CA LYS I 69 -4.19 14.66 -1.05
C LYS I 69 -4.63 15.87 -0.21
N LYS I 70 -4.34 17.09 -0.65
CA LYS I 70 -4.68 18.27 0.13
C LYS I 70 -6.02 18.01 0.69
N ASN I 71 -6.97 17.66 -0.18
CA ASN I 71 -8.33 17.38 0.25
C ASN I 71 -8.51 16.12 1.11
N VAL I 72 -8.07 14.94 0.66
CA VAL I 72 -8.25 13.77 1.50
C VAL I 72 -7.63 14.08 2.82
N ALA I 73 -6.34 14.32 2.82
CA ALA I 73 -5.74 14.63 4.10
C ALA I 73 -6.67 15.56 4.88
N LEU I 74 -7.43 16.37 4.18
CA LEU I 74 -8.31 17.24 4.90
C LEU I 74 -9.39 16.47 5.62
N VAL I 75 -10.28 15.79 4.89
CA VAL I 75 -11.37 15.06 5.54
C VAL I 75 -10.76 14.02 6.44
N MET I 76 -10.00 13.14 5.84
CA MET I 76 -9.32 12.08 6.53
C MET I 76 -8.69 12.51 7.81
N GLY I 77 -9.00 13.73 8.27
CA GLY I 77 -8.52 14.30 9.54
C GLY I 77 -7.10 14.78 9.84
N ILE I 78 -6.10 14.13 9.27
CA ILE I 78 -4.69 14.42 9.48
C ILE I 78 -4.11 15.62 8.73
N LYS I 79 -2.90 16.02 9.14
CA LYS I 79 -2.18 17.13 8.47
C LYS I 79 -1.56 16.48 7.21
N LEU I 80 -1.47 17.26 6.11
CA LEU I 80 -0.93 16.77 4.83
C LEU I 80 0.29 15.96 4.95
N ASN I 81 1.31 16.51 5.62
CA ASN I 81 2.53 15.76 5.84
C ASN I 81 2.15 14.35 6.28
N THR I 82 1.67 14.21 7.54
CA THR I 82 1.28 12.89 8.08
C THR I 82 0.65 12.04 6.99
N LEU I 83 -0.19 12.64 6.16
CA LEU I 83 -0.76 11.84 5.12
C LEU I 83 0.35 11.21 4.27
N ASN I 84 1.17 12.02 3.63
CA ASN I 84 2.21 11.46 2.76
C ASN I 84 3.01 10.42 3.50
N VAL I 85 3.17 10.65 4.79
CA VAL I 85 3.94 9.68 5.53
C VAL I 85 3.18 8.38 5.67
N ASN I 86 1.92 8.45 6.06
CA ASN I 86 1.17 7.22 6.19
C ASN I 86 1.24 6.37 4.94
N LEU I 87 1.12 6.96 3.76
CA LEU I 87 1.13 6.06 2.61
C LEU I 87 2.50 5.61 2.29
N ARG I 88 3.49 6.44 2.60
CA ARG I 88 4.86 6.07 2.30
C ARG I 88 5.11 4.90 3.17
N ASP I 89 4.80 5.12 4.45
CA ASP I 89 4.96 4.13 5.51
C ASP I 89 4.21 2.85 5.30
N LEU I 90 2.93 2.89 4.93
CA LEU I 90 2.22 1.64 4.75
C LEU I 90 2.28 0.96 3.41
N ALA I 91 3.37 1.13 2.68
CA ALA I 91 3.51 0.45 1.39
C ALA I 91 2.62 0.79 0.21
N PHE I 92 2.01 1.98 0.24
CA PHE I 92 1.18 2.40 -0.88
C PHE I 92 2.20 2.79 -1.94
N GLU I 93 1.88 2.58 -3.21
CA GLU I 93 2.87 2.87 -4.22
C GLU I 93 2.55 4.05 -5.12
N GLN I 94 3.13 5.21 -4.84
CA GLN I 94 2.82 6.33 -5.70
C GLN I 94 3.19 5.98 -7.12
N LEU I 95 2.21 5.91 -8.01
CA LEU I 95 2.54 5.59 -9.40
C LEU I 95 2.71 6.75 -10.38
N GLN I 96 2.67 7.99 -9.87
CA GLN I 96 2.83 9.18 -10.71
C GLN I 96 3.02 10.40 -9.84
N HIS I 97 3.97 11.24 -10.19
CA HIS I 97 4.22 12.41 -9.39
C HIS I 97 3.02 13.34 -9.50
N ASP I 98 2.97 14.35 -8.67
CA ASP I 98 1.83 15.21 -8.66
C ASP I 98 1.48 15.93 -9.92
N LYS I 99 0.33 15.63 -10.49
CA LYS I 99 -0.08 16.42 -11.66
C LYS I 99 -1.29 17.30 -11.42
N GLY I 100 -1.04 18.56 -11.20
CA GLY I 100 -2.14 19.46 -10.98
C GLY I 100 -2.93 19.09 -9.77
N GLY I 101 -2.26 18.64 -8.70
CA GLY I 101 -2.96 18.27 -7.49
C GLY I 101 -3.29 16.81 -7.46
N TRP I 102 -3.61 16.25 -8.61
CA TRP I 102 -3.96 14.85 -8.65
C TRP I 102 -2.72 14.00 -8.59
N THR I 103 -2.84 12.78 -8.10
CA THR I 103 -1.71 11.88 -8.02
C THR I 103 -2.33 10.49 -7.98
N GLN I 104 -1.64 9.46 -8.45
CA GLN I 104 -2.16 8.09 -8.45
C GLN I 104 -1.54 7.20 -7.39
N TRP I 105 -2.07 6.00 -7.22
CA TRP I 105 -1.57 5.11 -6.17
C TRP I 105 -2.11 3.73 -6.25
N LYS I 106 -1.38 2.84 -5.66
CA LYS I 106 -1.85 1.47 -5.52
C LYS I 106 -1.13 0.76 -4.37
N ARG I 107 -1.67 -0.34 -3.97
CA ARG I 107 -1.08 -1.16 -2.93
C ARG I 107 -1.57 -2.57 -3.15
N SER I 108 -0.66 -3.52 -2.93
CA SER I 108 -0.86 -4.97 -3.09
C SER I 108 -2.26 -5.51 -2.82
N GLY I 109 -2.65 -5.48 -1.54
CA GLY I 109 -3.97 -5.95 -1.16
C GLY I 109 -5.03 -5.02 -1.73
N PHE I 110 -5.13 -3.86 -1.10
CA PHE I 110 -6.04 -2.78 -1.47
C PHE I 110 -6.71 -2.88 -2.84
N THR I 111 -8.01 -3.24 -2.84
CA THR I 111 -8.72 -3.40 -4.09
C THR I 111 -10.22 -3.15 -4.30
N ARG I 112 -11.08 -3.60 -3.39
CA ARG I 112 -12.58 -3.49 -3.50
C ARG I 112 -13.32 -4.86 -3.38
N MET J 1 -26.07 -6.89 23.61
CA MET J 1 -25.35 -7.17 24.88
C MET J 1 -23.95 -6.55 24.97
N ASP J 2 -23.75 -5.78 26.03
CA ASP J 2 -22.49 -5.11 26.32
C ASP J 2 -21.55 -6.02 27.10
N SER J 3 -21.07 -5.52 28.23
CA SER J 3 -20.18 -6.28 29.10
C SER J 3 -21.06 -6.89 30.19
N ASN J 4 -22.01 -6.10 30.68
CA ASN J 4 -22.90 -6.58 31.72
C ASN J 4 -23.78 -7.68 31.14
N ASP J 5 -24.62 -7.31 30.18
CA ASP J 5 -25.51 -8.27 29.59
C ASP J 5 -24.69 -9.47 29.17
N LEU J 6 -23.37 -9.38 29.29
CA LEU J 6 -22.54 -10.49 28.89
C LEU J 6 -22.40 -11.54 29.97
N GLU J 7 -22.14 -11.09 31.21
CA GLU J 7 -21.98 -12.00 32.33
C GLU J 7 -23.26 -12.77 32.43
N ALA J 8 -24.34 -12.04 32.67
CA ALA J 8 -25.67 -12.63 32.75
C ALA J 8 -25.77 -13.77 31.75
N SER J 9 -25.96 -13.43 30.49
CA SER J 9 -26.06 -14.44 29.45
C SER J 9 -25.16 -15.66 29.62
N PHE J 10 -23.93 -15.51 30.08
CA PHE J 10 -23.09 -16.69 30.20
C PHE J 10 -23.63 -17.56 31.32
N THR J 11 -23.46 -17.09 32.55
CA THR J 11 -23.92 -17.85 33.68
C THR J 11 -25.26 -18.45 33.28
N SER J 12 -26.24 -17.61 32.96
CA SER J 12 -27.51 -18.17 32.61
C SER J 12 -27.46 -19.32 31.69
N ARG J 13 -26.51 -19.39 30.79
CA ARG J 13 -26.58 -20.54 29.92
C ARG J 13 -25.79 -21.76 30.41
N LEU J 14 -25.03 -21.65 31.52
CA LEU J 14 -24.24 -22.79 32.06
C LEU J 14 -25.12 -23.66 32.97
N PRO J 15 -24.78 -24.91 33.16
CA PRO J 15 -25.56 -25.79 34.03
C PRO J 15 -25.42 -25.30 35.47
N PRO J 16 -26.49 -25.40 36.28
CA PRO J 16 -26.64 -24.99 37.69
C PRO J 16 -25.42 -25.25 38.56
N GLU J 17 -24.87 -26.46 38.47
CA GLU J 17 -23.68 -26.82 39.22
C GLU J 17 -22.66 -25.74 38.98
N ILE J 18 -22.02 -25.87 37.83
CA ILE J 18 -20.96 -24.96 37.44
C ILE J 18 -21.19 -23.55 37.92
N VAL J 19 -22.38 -23.03 37.73
CA VAL J 19 -22.61 -21.69 38.21
C VAL J 19 -22.18 -21.63 39.65
N ALA J 20 -22.64 -22.63 40.41
CA ALA J 20 -22.34 -22.75 41.83
C ALA J 20 -20.86 -22.91 42.00
N ALA J 21 -20.33 -24.03 41.56
CA ALA J 21 -18.88 -24.23 41.69
C ALA J 21 -18.10 -22.96 41.50
N LEU J 22 -18.46 -22.17 40.51
CA LEU J 22 -17.69 -21.00 40.26
C LEU J 22 -17.85 -19.96 41.33
N LYS J 23 -18.96 -20.00 42.02
CA LYS J 23 -19.21 -19.02 43.05
C LYS J 23 -18.56 -19.33 44.37
N ARG J 24 -18.20 -20.60 44.60
CA ARG J 24 -17.58 -20.95 45.87
C ARG J 24 -16.40 -20.03 46.03
N LYS J 25 -15.69 -20.10 47.15
CA LYS J 25 -14.55 -19.22 47.36
C LYS J 25 -13.31 -20.03 47.68
N SER J 26 -12.21 -19.32 47.89
CA SER J 26 -10.91 -19.91 48.20
C SER J 26 -10.98 -20.72 49.49
N SER J 27 -11.25 -22.01 49.38
CA SER J 27 -11.35 -22.82 50.57
C SER J 27 -10.33 -23.92 50.60
N ARG J 28 -10.40 -24.71 51.67
CA ARG J 28 -9.53 -25.84 51.84
C ARG J 28 -9.66 -26.71 50.58
N ASP J 29 -10.86 -27.22 50.27
CA ASP J 29 -11.16 -28.13 49.18
C ASP J 29 -10.66 -27.58 47.85
N PRO J 30 -9.75 -28.34 47.15
CA PRO J 30 -9.27 -27.89 45.85
C PRO J 30 -10.28 -27.43 44.77
N ASN J 31 -11.50 -27.93 44.79
CA ASN J 31 -12.44 -27.50 43.77
C ASN J 31 -13.01 -26.13 44.05
N SER J 32 -12.21 -25.26 44.59
CA SER J 32 -12.70 -23.94 44.82
C SER J 32 -11.49 -23.10 44.54
N ARG J 33 -10.43 -23.76 44.08
CA ARG J 33 -9.20 -23.06 43.76
C ARG J 33 -9.06 -22.92 42.23
N PHE J 34 -9.08 -21.68 41.79
CA PHE J 34 -8.96 -21.37 40.41
C PHE J 34 -8.57 -22.58 39.57
N PRO J 35 -7.31 -22.91 39.55
CA PRO J 35 -6.93 -24.05 38.75
C PRO J 35 -7.95 -25.07 38.47
N ARG J 36 -8.58 -25.63 39.49
CA ARG J 36 -9.57 -26.65 39.17
C ARG J 36 -10.83 -25.97 38.70
N LYS J 37 -11.15 -24.87 39.33
CA LYS J 37 -12.34 -24.15 38.95
C LYS J 37 -12.30 -23.93 37.46
N LEU J 38 -11.13 -23.54 36.95
CA LEU J 38 -10.99 -23.22 35.54
C LEU J 38 -10.93 -24.43 34.67
N HIS J 39 -10.05 -25.37 34.97
CA HIS J 39 -10.01 -26.56 34.16
C HIS J 39 -11.43 -27.06 34.00
N MET J 40 -12.25 -26.84 35.01
CA MET J 40 -13.64 -27.27 34.91
C MET J 40 -14.27 -26.60 33.68
N LEU J 41 -14.36 -25.27 33.75
CA LEU J 41 -14.90 -24.48 32.66
C LEU J 41 -14.43 -25.05 31.34
N LEU J 42 -13.12 -25.07 31.21
CA LEU J 42 -12.52 -25.58 30.03
C LEU J 42 -13.14 -26.95 29.69
N THR J 43 -12.93 -27.94 30.54
CA THR J 43 -13.49 -29.26 30.29
C THR J 43 -14.98 -29.31 29.92
N TYR J 44 -15.76 -28.34 30.41
CA TYR J 44 -17.18 -28.32 30.07
C TYR J 44 -17.37 -27.83 28.65
N LEU J 45 -16.96 -26.57 28.40
CA LEU J 45 -17.08 -25.98 27.08
C LEU J 45 -16.57 -26.95 26.03
N ALA J 46 -15.65 -27.80 26.41
CA ALA J 46 -15.22 -28.72 25.41
C ALA J 46 -16.39 -29.58 24.92
N SER J 47 -17.53 -29.52 25.56
CA SER J 47 -18.61 -30.38 25.09
C SER J 47 -19.80 -29.59 24.63
N ASN J 48 -19.71 -28.27 24.73
CA ASN J 48 -20.79 -27.43 24.26
C ASN J 48 -20.16 -26.41 23.33
N PRO J 49 -19.71 -26.91 22.20
CA PRO J 49 -19.06 -26.21 21.10
C PRO J 49 -19.71 -24.90 21.02
N GLN J 50 -20.98 -24.96 20.69
CA GLN J 50 -21.64 -23.74 20.54
C GLN J 50 -21.18 -22.79 21.60
N LEU J 51 -21.50 -23.09 22.86
CA LEU J 51 -21.17 -22.14 23.92
C LEU J 51 -19.76 -21.63 23.86
N GLU J 52 -18.82 -22.56 23.61
CA GLU J 52 -17.39 -22.26 23.52
C GLU J 52 -17.24 -21.02 22.69
N GLU J 53 -17.56 -21.17 21.41
CA GLU J 53 -17.49 -20.07 20.46
C GLU J 53 -17.74 -18.69 21.04
N GLU J 54 -18.75 -18.53 21.87
CA GLU J 54 -18.96 -17.20 22.36
C GLU J 54 -18.02 -16.80 23.46
N ILE J 55 -17.34 -17.73 24.09
CA ILE J 55 -16.47 -17.35 25.20
C ILE J 55 -15.07 -17.46 24.73
N GLY J 56 -14.78 -18.63 24.18
CA GLY J 56 -13.46 -18.89 23.64
C GLY J 56 -12.54 -19.29 24.75
N LEU J 57 -12.28 -20.58 24.80
CA LEU J 57 -11.46 -21.12 25.83
C LEU J 57 -11.38 -22.56 25.52
N SER J 58 -10.33 -23.00 24.85
CA SER J 58 -10.33 -24.40 24.57
C SER J 58 -8.97 -24.94 24.47
N TRP J 59 -8.88 -26.26 24.38
CA TRP J 59 -7.61 -26.93 24.26
C TRP J 59 -7.17 -26.79 22.82
N ILE J 60 -5.87 -26.67 22.62
CA ILE J 60 -5.27 -26.56 21.29
C ILE J 60 -4.61 -27.90 21.14
N SER J 61 -3.69 -28.15 22.05
CA SER J 61 -2.92 -29.36 22.15
C SER J 61 -3.56 -30.05 23.31
N ASP J 62 -2.93 -31.14 23.76
CA ASP J 62 -3.43 -31.86 24.91
C ASP J 62 -2.80 -31.22 26.13
N THR J 63 -1.88 -30.29 25.93
CA THR J 63 -1.27 -29.66 27.08
C THR J 63 -1.28 -28.16 26.93
N GLU J 64 -1.79 -27.67 25.82
CA GLU J 64 -1.87 -26.24 25.57
C GLU J 64 -3.32 -25.83 25.34
N PHE J 65 -3.65 -24.57 25.60
CA PHE J 65 -5.02 -24.14 25.42
C PHE J 65 -5.13 -22.63 25.18
N LYS J 66 -6.23 -22.18 24.59
CA LYS J 66 -6.34 -20.75 24.28
C LYS J 66 -7.57 -20.17 24.86
N MET J 67 -7.57 -18.88 25.12
CA MET J 67 -8.73 -18.28 25.72
C MET J 67 -8.77 -16.78 25.61
N LYS J 68 -9.95 -16.23 25.76
CA LYS J 68 -10.05 -14.82 25.61
C LYS J 68 -10.26 -14.24 26.98
N LYS J 69 -9.19 -14.02 27.71
CA LYS J 69 -9.36 -13.51 29.08
C LYS J 69 -10.60 -12.67 29.32
N LYS J 70 -10.76 -11.53 28.68
CA LYS J 70 -11.92 -10.72 28.98
C LYS J 70 -13.17 -11.51 29.21
N ASN J 71 -13.37 -12.54 28.40
CA ASN J 71 -14.54 -13.38 28.57
C ASN J 71 -14.41 -14.30 29.76
N VAL J 72 -13.38 -15.16 29.78
CA VAL J 72 -13.22 -16.03 30.94
C VAL J 72 -13.40 -15.19 32.21
N ALA J 73 -12.49 -14.28 32.47
CA ALA J 73 -12.69 -13.43 33.64
C ALA J 73 -14.14 -12.99 33.78
N LEU J 74 -14.93 -13.05 32.73
CA LEU J 74 -16.30 -12.58 32.92
C LEU J 74 -17.17 -13.68 33.53
N VAL J 75 -16.99 -14.90 33.01
CA VAL J 75 -17.74 -16.08 33.46
C VAL J 75 -17.38 -16.33 34.92
N MET J 76 -16.08 -16.37 35.15
CA MET J 76 -15.57 -16.61 36.47
C MET J 76 -15.94 -15.49 37.44
N GLY J 77 -16.61 -14.46 36.98
CA GLY J 77 -17.00 -13.43 37.93
C GLY J 77 -15.92 -12.60 38.59
N ILE J 78 -14.68 -12.77 38.16
CA ILE J 78 -13.66 -11.94 38.72
C ILE J 78 -13.29 -10.84 37.72
N LYS J 79 -12.57 -9.85 38.22
CA LYS J 79 -12.10 -8.75 37.42
C LYS J 79 -11.01 -9.26 36.47
N LEU J 80 -10.89 -8.61 35.27
CA LEU J 80 -9.92 -9.06 34.25
C LEU J 80 -8.58 -9.06 34.91
N ASN J 81 -8.28 -7.97 35.57
CA ASN J 81 -7.04 -7.82 36.30
C ASN J 81 -6.71 -9.06 37.12
N THR J 82 -7.50 -9.25 38.18
CA THR J 82 -7.32 -10.37 39.06
C THR J 82 -7.11 -11.63 38.22
N LEU J 83 -7.90 -11.87 37.19
CA LEU J 83 -7.64 -13.09 36.43
C LEU J 83 -6.17 -13.13 35.98
N ASN J 84 -5.71 -11.99 35.50
CA ASN J 84 -4.37 -11.97 34.97
C ASN J 84 -3.39 -12.37 36.04
N VAL J 85 -3.66 -11.96 37.27
CA VAL J 85 -2.71 -12.33 38.28
C VAL J 85 -2.80 -13.79 38.64
N ASN J 86 -3.99 -14.26 39.02
CA ASN J 86 -4.14 -15.68 39.38
C ASN J 86 -3.35 -16.46 38.33
N LEU J 87 -3.49 -15.99 37.11
CA LEU J 87 -2.85 -16.64 36.02
C LEU J 87 -1.35 -16.83 36.10
N ARG J 88 -0.61 -15.83 36.61
CA ARG J 88 0.83 -16.03 36.74
C ARG J 88 1.16 -16.53 38.13
N ASP J 89 0.48 -15.96 39.13
CA ASP J 89 0.68 -16.41 40.50
C ASP J 89 0.65 -17.95 40.62
N LEU J 90 -0.33 -18.61 40.00
CA LEU J 90 -0.36 -20.03 40.15
C LEU J 90 0.46 -20.72 39.09
N ALA J 91 1.42 -19.98 38.57
CA ALA J 91 2.35 -20.50 37.56
C ALA J 91 1.83 -20.98 36.22
N PHE J 92 0.95 -20.19 35.62
CA PHE J 92 0.45 -20.53 34.33
C PHE J 92 1.39 -19.77 33.39
N GLU J 93 1.87 -20.44 32.35
CA GLU J 93 2.76 -19.81 31.37
C GLU J 93 1.96 -19.18 30.24
N GLN J 94 2.27 -17.95 29.86
CA GLN J 94 1.53 -17.33 28.76
C GLN J 94 2.28 -17.50 27.46
N LEU J 95 2.33 -18.71 26.89
CA LEU J 95 3.07 -18.91 25.66
C LEU J 95 2.62 -18.27 24.34
N GLN J 96 2.02 -17.09 24.41
CA GLN J 96 1.64 -16.33 23.23
C GLN J 96 1.11 -14.98 23.56
N HIS J 97 1.69 -14.03 22.85
CA HIS J 97 1.52 -12.60 22.95
C HIS J 97 0.15 -11.89 22.96
N ASP J 98 -0.89 -12.46 22.36
CA ASP J 98 -2.26 -11.85 22.32
C ASP J 98 -2.75 -11.43 20.95
N LYS J 99 -3.10 -12.41 20.12
CA LYS J 99 -3.62 -12.15 18.78
C LYS J 99 -5.06 -11.63 18.86
N GLY J 100 -5.20 -10.36 19.24
CA GLY J 100 -6.52 -9.74 19.33
C GLY J 100 -7.51 -10.50 20.19
N GLY J 101 -7.34 -10.33 21.51
CA GLY J 101 -8.17 -10.98 22.50
C GLY J 101 -7.69 -12.40 22.78
N TRP J 102 -7.34 -13.14 21.75
CA TRP J 102 -6.90 -14.48 22.02
C TRP J 102 -5.55 -14.46 22.72
N THR J 103 -5.21 -15.53 23.45
CA THR J 103 -3.97 -15.70 24.23
C THR J 103 -3.83 -17.16 24.51
N GLN J 104 -2.62 -17.70 24.46
CA GLN J 104 -2.50 -19.15 24.67
C GLN J 104 -1.71 -19.53 25.91
N TRP J 105 -1.95 -20.70 26.50
CA TRP J 105 -1.21 -21.05 27.71
C TRP J 105 -0.96 -22.52 28.06
N LYS J 106 -0.19 -22.67 29.22
CA LYS J 106 0.11 -23.96 29.81
C LYS J 106 0.54 -23.82 31.27
N ARG J 107 0.46 -25.00 31.98
CA ARG J 107 0.83 -25.09 33.39
C ARG J 107 1.34 -26.48 33.46
N SER J 108 2.21 -26.76 34.43
CA SER J 108 2.78 -28.09 34.53
C SER J 108 1.75 -29.20 34.71
N GLY J 109 1.14 -29.24 35.87
CA GLY J 109 0.18 -30.31 36.06
C GLY J 109 -0.94 -30.32 35.07
N PHE J 110 -1.29 -29.11 34.64
CA PHE J 110 -2.39 -28.81 33.74
C PHE J 110 -2.47 -29.47 32.37
N THR J 111 -3.53 -30.24 32.17
CA THR J 111 -3.75 -30.97 30.95
C THR J 111 -5.21 -31.35 30.78
N ARG J 112 -5.56 -31.55 29.54
CA ARG J 112 -6.90 -31.94 29.13
C ARG J 112 -7.72 -32.70 30.13
N ASN J 113 -7.20 -33.82 30.60
CA ASN J 113 -7.97 -34.62 31.52
C ASN J 113 -7.34 -34.91 32.86
N SER J 114 -6.79 -33.89 33.50
CA SER J 114 -6.15 -34.04 34.81
C SER J 114 -5.43 -32.77 35.26
N VAL J 115 -5.59 -32.44 36.52
CA VAL J 115 -4.93 -31.27 37.06
C VAL J 115 -4.10 -31.65 38.26
N PHE J 116 -2.79 -31.63 38.09
CA PHE J 116 -1.90 -31.94 39.18
C PHE J 116 -1.76 -30.62 39.92
N GLU J 117 -1.66 -30.67 41.25
CA GLU J 117 -1.55 -29.43 42.02
C GLU J 117 -0.16 -29.11 42.57
N ASP J 118 0.28 -29.89 43.56
CA ASP J 118 1.59 -29.71 44.22
C ASP J 118 1.47 -30.19 45.67
N ASP K 2 53.51 46.88 -59.21
CA ASP K 2 52.62 48.05 -59.42
C ASP K 2 51.16 47.59 -59.41
N SER K 3 50.93 46.29 -59.58
CA SER K 3 49.56 45.78 -59.57
C SER K 3 48.96 45.83 -58.18
N ASN K 4 49.79 46.23 -57.21
CA ASN K 4 49.33 46.35 -55.84
C ASN K 4 49.01 47.79 -55.51
N ASP K 5 49.99 48.68 -55.63
CA ASP K 5 49.68 50.07 -55.34
C ASP K 5 48.48 50.52 -56.15
N LEU K 6 48.20 49.83 -57.25
CA LEU K 6 47.04 50.22 -58.04
C LEU K 6 45.87 50.07 -57.09
N GLU K 7 45.96 49.05 -56.26
CA GLU K 7 44.93 48.77 -55.26
C GLU K 7 44.86 49.96 -54.33
N ALA K 8 46.01 50.41 -53.84
CA ALA K 8 46.06 51.54 -52.93
C ALA K 8 45.20 52.65 -53.45
N SER K 9 45.73 53.51 -54.31
CA SER K 9 44.94 54.62 -54.81
C SER K 9 43.45 54.34 -54.88
N PHE K 10 43.08 53.15 -55.32
CA PHE K 10 41.66 52.82 -55.40
C PHE K 10 41.03 52.78 -54.00
N THR K 11 41.22 51.68 -53.27
CA THR K 11 40.63 51.56 -51.95
C THR K 11 40.74 52.94 -51.26
N SER K 12 41.94 53.50 -51.18
CA SER K 12 42.12 54.79 -50.55
C SER K 12 41.16 55.89 -51.02
N ARG K 13 41.19 56.23 -52.29
CA ARG K 13 40.30 57.28 -52.80
C ARG K 13 38.81 56.88 -52.70
N LEU K 14 38.54 55.79 -52.00
CA LEU K 14 37.16 55.35 -51.81
C LEU K 14 36.69 55.59 -50.36
N PRO K 15 35.41 55.97 -50.17
CA PRO K 15 34.87 56.22 -48.83
C PRO K 15 34.98 54.97 -47.93
N PRO K 16 35.60 55.13 -46.76
CA PRO K 16 35.85 54.11 -45.72
C PRO K 16 34.73 53.15 -45.48
N GLU K 17 33.51 53.65 -45.68
CA GLU K 17 32.35 52.81 -45.51
C GLU K 17 32.33 51.75 -46.62
N ILE K 18 32.37 52.20 -47.88
CA ILE K 18 32.35 51.26 -48.99
C ILE K 18 33.42 50.23 -48.77
N VAL K 19 34.65 50.68 -48.59
CA VAL K 19 35.74 49.76 -48.36
C VAL K 19 35.27 48.72 -47.38
N ALA K 20 35.12 49.20 -46.14
CA ALA K 20 34.67 48.38 -45.03
C ALA K 20 33.74 47.30 -45.55
N ALA K 21 32.69 47.75 -46.23
CA ALA K 21 31.70 46.86 -46.82
C ALA K 21 32.43 45.69 -47.46
N LEU K 22 33.04 46.00 -48.60
CA LEU K 22 33.79 45.09 -49.41
C LEU K 22 34.75 44.17 -48.66
N LYS K 23 35.30 44.63 -47.52
CA LYS K 23 36.26 43.82 -46.78
C LYS K 23 35.71 42.67 -45.99
N ARG K 24 34.47 42.80 -45.54
CA ARG K 24 33.83 41.77 -44.73
C ARG K 24 33.55 40.47 -45.48
N LYS K 25 33.98 39.34 -44.90
CA LYS K 25 33.77 38.00 -45.47
C LYS K 25 32.28 37.75 -45.66
N SER K 26 31.91 36.84 -46.55
CA SER K 26 30.50 36.59 -46.80
C SER K 26 29.79 35.70 -45.78
N SER K 27 28.65 36.21 -45.28
CA SER K 27 27.81 35.48 -44.30
C SER K 27 26.45 35.29 -44.92
N ARG K 28 25.50 34.87 -44.09
CA ARG K 28 24.15 34.67 -44.58
C ARG K 28 23.55 36.06 -44.90
N ASP K 29 24.12 37.14 -44.33
CA ASP K 29 23.63 38.50 -44.50
C ASP K 29 23.76 38.95 -45.95
N PRO K 30 22.63 39.14 -46.65
CA PRO K 30 22.48 39.60 -48.03
C PRO K 30 23.33 40.75 -48.53
N ASN K 31 23.62 41.73 -47.68
CA ASN K 31 24.44 42.85 -48.13
C ASN K 31 25.93 42.59 -47.86
N SER K 32 26.26 41.30 -47.73
CA SER K 32 27.61 40.84 -47.48
C SER K 32 28.11 39.86 -48.55
N ARG K 33 27.18 39.23 -49.27
CA ARG K 33 27.59 38.31 -50.34
C ARG K 33 28.05 39.14 -51.55
N PHE K 34 28.16 38.51 -52.71
CA PHE K 34 28.64 39.21 -53.88
C PHE K 34 27.71 40.34 -54.33
N PRO K 35 26.75 40.03 -55.19
CA PRO K 35 25.82 41.01 -55.73
C PRO K 35 25.78 42.34 -55.06
N ARG K 36 25.35 42.35 -53.82
CA ARG K 36 25.24 43.62 -53.13
C ARG K 36 26.56 44.33 -53.22
N LYS K 37 27.57 43.77 -52.57
CA LYS K 37 28.88 44.39 -52.57
C LYS K 37 29.22 45.00 -53.93
N LEU K 38 29.10 44.21 -54.99
CA LEU K 38 29.40 44.67 -56.36
C LEU K 38 28.53 45.87 -56.67
N HIS K 39 27.22 45.62 -56.66
CA HIS K 39 26.23 46.64 -56.94
C HIS K 39 26.39 47.94 -56.16
N MET K 40 26.87 47.90 -54.92
CA MET K 40 26.99 49.17 -54.21
C MET K 40 28.00 50.04 -54.92
N LEU K 41 29.12 49.43 -55.32
CA LEU K 41 30.19 50.11 -56.03
C LEU K 41 29.57 50.73 -57.27
N LEU K 42 29.05 49.85 -58.10
CA LEU K 42 28.39 50.19 -59.32
C LEU K 42 27.74 51.58 -59.21
N THR K 43 26.65 51.64 -58.47
CA THR K 43 25.88 52.86 -58.25
C THR K 43 26.69 53.90 -57.49
N TYR K 44 27.67 53.48 -56.72
CA TYR K 44 28.44 54.49 -56.04
C TYR K 44 29.12 55.26 -57.14
N LEU K 45 29.88 54.49 -57.91
CA LEU K 45 30.66 55.03 -59.00
C LEU K 45 29.90 55.93 -59.92
N ALA K 46 28.77 55.48 -60.46
CA ALA K 46 28.01 56.33 -61.37
C ALA K 46 27.78 57.71 -60.76
N SER K 47 28.28 57.87 -59.54
CA SER K 47 28.18 59.14 -58.85
C SER K 47 29.47 59.95 -58.91
N ASN K 48 30.62 59.28 -59.13
CA ASN K 48 31.95 59.93 -59.17
C ASN K 48 32.86 59.63 -60.38
N PRO K 49 32.35 59.84 -61.62
CA PRO K 49 33.00 59.63 -62.92
C PRO K 49 34.49 59.38 -63.03
N GLN K 50 35.34 60.16 -62.33
CA GLN K 50 36.76 59.87 -62.47
C GLN K 50 36.91 58.41 -62.12
N LEU K 51 36.40 58.01 -60.96
CA LEU K 51 36.56 56.61 -60.64
C LEU K 51 35.84 55.69 -61.58
N GLU K 52 34.68 56.08 -62.08
CA GLU K 52 34.00 55.21 -63.00
C GLU K 52 34.96 54.91 -64.14
N GLU K 53 35.83 55.88 -64.45
CA GLU K 53 36.79 55.71 -65.53
C GLU K 53 37.92 54.84 -65.04
N GLU K 54 38.64 55.30 -64.04
CA GLU K 54 39.73 54.53 -63.51
C GLU K 54 39.35 53.07 -63.21
N ILE K 55 38.29 52.84 -62.47
CA ILE K 55 37.99 51.44 -62.22
C ILE K 55 37.39 50.81 -63.43
N GLY K 56 36.43 51.49 -64.05
CA GLY K 56 35.83 50.89 -65.22
C GLY K 56 34.75 49.91 -64.82
N LEU K 57 33.69 50.47 -64.24
CA LEU K 57 32.53 49.71 -63.77
C LEU K 57 31.30 50.58 -63.90
N SER K 58 30.47 50.33 -64.89
CA SER K 58 29.31 51.16 -64.98
C SER K 58 28.15 50.60 -65.77
N TRP K 59 27.02 51.31 -65.66
CA TRP K 59 25.78 50.95 -66.33
C TRP K 59 25.77 51.43 -67.76
N ILE K 60 25.57 50.51 -68.69
CA ILE K 60 25.48 50.90 -70.09
C ILE K 60 24.02 51.27 -70.28
N SER K 61 23.16 50.37 -69.81
CA SER K 61 21.70 50.51 -69.87
C SER K 61 21.30 50.40 -68.38
N ASP K 62 20.02 50.57 -68.06
CA ASP K 62 19.57 50.47 -66.65
C ASP K 62 19.34 49.00 -66.25
N THR K 63 19.63 48.12 -67.21
CA THR K 63 19.48 46.68 -67.06
C THR K 63 20.83 45.95 -67.19
N GLU K 64 21.71 46.51 -68.02
CA GLU K 64 23.03 45.94 -68.29
C GLU K 64 24.15 46.87 -67.87
N PHE K 65 25.32 46.31 -67.56
CA PHE K 65 26.44 47.15 -67.15
C PHE K 65 27.75 46.60 -67.69
N LYS K 66 28.84 47.35 -67.50
CA LYS K 66 30.16 46.94 -68.01
C LYS K 66 31.31 47.21 -67.03
N MET K 67 32.38 46.44 -67.19
CA MET K 67 33.53 46.59 -66.30
C MET K 67 34.82 46.05 -66.91
N LYS K 68 35.91 46.36 -66.24
CA LYS K 68 37.22 45.87 -66.61
C LYS K 68 37.52 44.93 -65.43
N LYS K 69 37.11 43.69 -65.52
CA LYS K 69 37.35 42.80 -64.39
C LYS K 69 38.70 43.05 -63.70
N LYS K 70 39.80 42.98 -64.44
CA LYS K 70 41.12 43.24 -63.86
C LYS K 70 41.01 44.28 -62.78
N ASN K 71 40.27 45.32 -63.08
CA ASN K 71 40.11 46.34 -62.11
C ASN K 71 39.05 46.13 -61.04
N VAL K 72 37.82 45.74 -61.39
CA VAL K 72 36.87 45.57 -60.29
C VAL K 72 37.48 44.51 -59.38
N ALA K 73 37.81 43.33 -59.90
CA ALA K 73 38.39 42.33 -59.02
C ALA K 73 39.56 42.92 -58.24
N LEU K 74 40.03 44.07 -58.64
CA LEU K 74 41.10 44.59 -57.85
C LEU K 74 40.45 45.27 -56.68
N VAL K 75 39.54 46.20 -56.95
CA VAL K 75 38.90 46.93 -55.86
C VAL K 75 38.36 45.98 -54.81
N MET K 76 37.69 44.94 -55.25
CA MET K 76 37.13 44.00 -54.31
C MET K 76 38.14 43.09 -53.65
N GLY K 77 39.43 43.37 -53.77
CA GLY K 77 40.42 42.49 -53.13
C GLY K 77 40.28 41.00 -53.45
N ILE K 78 39.38 40.68 -54.36
CA ILE K 78 39.16 39.30 -54.75
C ILE K 78 40.00 39.03 -56.04
N LYS K 79 40.74 37.92 -56.11
CA LYS K 79 41.55 37.61 -57.31
C LYS K 79 40.68 37.66 -58.58
N LEU K 80 41.31 37.75 -59.76
CA LEU K 80 40.57 37.83 -61.03
C LEU K 80 39.80 36.54 -61.18
N ASN K 81 40.55 35.43 -61.16
CA ASN K 81 39.95 34.13 -61.29
C ASN K 81 38.61 34.12 -60.58
N THR K 82 38.69 34.28 -59.26
CA THR K 82 37.52 34.33 -58.38
C THR K 82 36.46 35.22 -59.00
N LEU K 83 36.74 36.50 -59.11
CA LEU K 83 35.75 37.37 -59.68
C LEU K 83 34.98 36.77 -60.85
N ASN K 84 35.63 35.98 -61.69
CA ASN K 84 34.85 35.43 -62.82
C ASN K 84 34.01 34.32 -62.25
N VAL K 85 34.64 33.51 -61.41
CA VAL K 85 33.97 32.38 -60.79
C VAL K 85 32.69 32.79 -60.11
N ASN K 86 32.67 33.97 -59.54
CA ASN K 86 31.45 34.41 -58.91
C ASN K 86 30.48 34.81 -59.95
N LEU K 87 30.93 35.56 -60.94
CA LEU K 87 30.00 36.01 -61.92
C LEU K 87 29.13 34.91 -62.52
N ARG K 88 29.69 33.74 -62.82
CA ARG K 88 28.81 32.73 -63.41
C ARG K 88 28.10 31.93 -62.34
N ASP K 89 28.79 31.72 -61.22
CA ASP K 89 28.24 30.98 -60.09
C ASP K 89 26.98 31.61 -59.56
N LEU K 90 26.96 32.94 -59.43
CA LEU K 90 25.76 33.58 -58.94
C LEU K 90 24.93 34.01 -60.11
N ALA K 91 25.15 33.32 -61.23
CA ALA K 91 24.42 33.57 -62.46
C ALA K 91 24.27 35.00 -62.95
N PHE K 92 25.33 35.47 -63.59
CA PHE K 92 25.34 36.79 -64.18
C PHE K 92 25.51 36.41 -65.64
N GLU K 93 24.97 37.20 -66.57
CA GLU K 93 25.17 36.81 -67.94
C GLU K 93 26.23 37.64 -68.62
N GLN K 94 27.18 36.95 -69.23
CA GLN K 94 28.24 37.58 -69.98
C GLN K 94 27.62 37.62 -71.36
N LEU K 95 27.33 38.81 -71.87
CA LEU K 95 26.70 38.87 -73.17
C LEU K 95 27.53 39.48 -74.28
N GLN K 96 28.83 39.58 -74.06
CA GLN K 96 29.74 40.13 -75.06
C GLN K 96 31.21 39.91 -74.70
N HIS K 97 31.79 38.82 -75.20
CA HIS K 97 33.19 38.47 -74.91
C HIS K 97 34.11 39.68 -74.75
N ASP K 98 35.24 39.49 -74.07
CA ASP K 98 36.19 40.59 -73.82
C ASP K 98 36.55 41.40 -75.04
N LYS K 99 36.25 42.69 -74.95
CA LYS K 99 36.54 43.61 -76.01
C LYS K 99 37.57 44.60 -75.51
N GLY K 100 38.82 44.16 -75.49
CA GLY K 100 39.91 45.01 -75.05
C GLY K 100 39.89 45.44 -73.61
N GLY K 101 39.61 44.48 -72.74
CA GLY K 101 39.54 44.73 -71.31
C GLY K 101 38.13 44.83 -70.76
N TRP K 102 37.20 45.28 -71.60
CA TRP K 102 35.83 45.45 -71.18
C TRP K 102 34.91 44.32 -71.49
N THR K 103 33.87 44.23 -70.66
CA THR K 103 32.84 43.23 -70.78
C THR K 103 31.59 43.90 -70.25
N GLN K 104 30.43 43.49 -70.75
CA GLN K 104 29.19 44.03 -70.24
C GLN K 104 28.37 42.86 -69.70
N TRP K 105 27.56 43.12 -68.67
CA TRP K 105 26.75 42.07 -68.05
C TRP K 105 25.34 42.48 -67.57
N LYS K 106 24.63 41.49 -67.09
CA LYS K 106 23.28 41.60 -66.53
C LYS K 106 22.95 40.40 -65.65
N ARG K 107 21.89 40.53 -64.89
CA ARG K 107 21.38 39.49 -64.00
C ARG K 107 19.95 39.91 -63.69
N SER K 108 19.00 39.00 -63.94
CA SER K 108 17.57 39.28 -63.73
C SER K 108 17.21 40.16 -62.55
N GLY K 109 17.88 39.95 -61.41
CA GLY K 109 17.58 40.75 -60.25
C GLY K 109 18.44 42.00 -60.19
N PHE K 110 19.49 42.01 -60.98
CA PHE K 110 20.41 43.13 -61.02
C PHE K 110 19.94 44.28 -61.89
N THR K 111 19.80 45.46 -61.28
CA THR K 111 19.35 46.65 -62.01
C THR K 111 19.28 47.93 -61.22
N ARG K 112 18.70 48.95 -61.88
CA ARG K 112 18.46 50.27 -61.31
C ARG K 112 19.08 50.37 -59.92
N ASN K 113 18.31 49.93 -58.91
CA ASN K 113 18.75 49.99 -57.52
C ASN K 113 18.23 48.87 -56.58
N SER K 114 18.68 47.65 -56.82
CA SER K 114 18.32 46.47 -56.02
C SER K 114 18.72 45.16 -56.70
N SER L 9 -20.05 -32.73 29.96
CA SER L 9 -20.02 -34.01 29.22
C SER L 9 -21.38 -34.11 28.53
N PHE L 10 -21.43 -34.56 27.27
CA PHE L 10 -22.71 -34.63 26.56
C PHE L 10 -23.23 -36.01 26.27
N THR L 11 -22.43 -36.89 25.72
CA THR L 11 -22.98 -38.23 25.48
C THR L 11 -23.11 -38.92 26.86
N SER L 12 -22.49 -38.32 27.86
CA SER L 12 -22.50 -38.85 29.23
C SER L 12 -23.80 -38.57 29.95
N ARG L 13 -24.61 -37.69 29.36
CA ARG L 13 -25.89 -37.30 29.93
C ARG L 13 -27.06 -37.83 29.12
N LEU L 14 -26.79 -38.61 28.11
CA LEU L 14 -27.86 -39.20 27.34
C LEU L 14 -28.02 -40.62 27.86
N PRO L 15 -29.23 -41.14 27.88
CA PRO L 15 -29.44 -42.51 28.35
C PRO L 15 -28.65 -43.43 27.46
N PRO L 16 -28.11 -44.53 28.00
CA PRO L 16 -27.34 -45.50 27.22
C PRO L 16 -28.01 -45.88 25.90
N GLU L 17 -29.21 -46.41 25.97
CA GLU L 17 -29.95 -46.77 24.79
C GLU L 17 -29.70 -45.69 23.74
N ILE L 18 -30.23 -44.49 23.97
CA ILE L 18 -30.04 -43.41 23.03
C ILE L 18 -28.63 -43.17 22.60
N VAL L 19 -27.67 -43.29 23.49
CA VAL L 19 -26.30 -43.04 23.06
C VAL L 19 -25.92 -44.01 21.94
N ALA L 20 -26.42 -45.24 22.06
CA ALA L 20 -26.16 -46.29 21.09
C ALA L 20 -26.93 -45.99 19.81
N ALA L 21 -28.22 -45.78 19.96
CA ALA L 21 -29.03 -45.47 18.81
C ALA L 21 -28.25 -44.52 17.90
N LEU L 22 -27.24 -43.86 18.45
CA LEU L 22 -26.50 -42.92 17.65
C LEU L 22 -25.24 -43.51 16.96
N LYS L 23 -25.40 -44.71 16.40
CA LYS L 23 -24.35 -45.44 15.68
C LYS L 23 -24.83 -45.85 14.28
N ARG L 33 -31.08 -43.37 8.00
CA ARG L 33 -30.78 -43.67 9.41
C ARG L 33 -30.26 -42.40 10.06
N PHE L 34 -30.86 -41.26 9.71
CA PHE L 34 -30.46 -40.00 10.28
C PHE L 34 -31.66 -39.20 10.70
N PRO L 35 -32.48 -38.79 9.73
CA PRO L 35 -33.66 -37.99 10.08
C PRO L 35 -34.40 -38.70 11.18
N ARG L 36 -34.20 -40.02 11.26
CA ARG L 36 -34.84 -40.77 12.30
C ARG L 36 -34.09 -40.47 13.60
N LYS L 37 -32.78 -40.62 13.57
CA LYS L 37 -31.97 -40.33 14.74
C LYS L 37 -32.31 -38.93 15.22
N LEU L 38 -31.94 -37.90 14.46
CA LEU L 38 -32.23 -36.52 14.87
C LEU L 38 -33.60 -36.40 15.50
N HIS L 39 -34.62 -36.87 14.81
CA HIS L 39 -35.95 -36.78 15.38
C HIS L 39 -35.97 -37.47 16.73
N MET L 40 -35.40 -38.67 16.76
CA MET L 40 -35.33 -39.45 17.97
C MET L 40 -34.67 -38.68 19.11
N LEU L 41 -33.79 -37.72 18.82
CA LEU L 41 -33.21 -36.94 19.90
C LEU L 41 -34.31 -36.02 20.22
N LEU L 42 -34.60 -35.16 19.25
CA LEU L 42 -35.66 -34.17 19.38
C LEU L 42 -36.73 -34.69 20.36
N THR L 43 -37.25 -35.88 20.08
CA THR L 43 -38.27 -36.54 20.87
C THR L 43 -37.89 -36.76 22.36
N TYR L 44 -36.71 -37.33 22.57
CA TYR L 44 -36.20 -37.59 23.90
C TYR L 44 -35.91 -36.33 24.73
N LEU L 45 -35.27 -35.38 24.12
CA LEU L 45 -34.97 -34.25 24.89
C LEU L 45 -36.21 -33.57 25.31
N ALA L 46 -37.33 -33.77 24.65
CA ALA L 46 -38.47 -32.98 25.09
C ALA L 46 -38.84 -33.18 26.54
N SER L 47 -38.32 -34.23 27.15
CA SER L 47 -38.66 -34.51 28.53
C SER L 47 -37.47 -34.36 29.47
N ASN L 48 -36.55 -33.46 29.12
CA ASN L 48 -35.35 -33.24 29.91
C ASN L 48 -34.99 -31.80 29.71
N PRO L 49 -35.86 -30.94 30.16
CA PRO L 49 -35.72 -29.49 30.06
C PRO L 49 -34.36 -28.83 30.14
N GLN L 50 -33.36 -29.36 30.84
CA GLN L 50 -32.10 -28.62 30.81
C GLN L 50 -31.40 -29.11 29.61
N LEU L 51 -31.11 -30.40 29.62
CA LEU L 51 -30.42 -30.97 28.51
C LEU L 51 -30.99 -30.35 27.22
N GLU L 52 -32.31 -30.28 27.12
CA GLU L 52 -32.91 -29.76 25.91
C GLU L 52 -32.43 -28.42 25.52
N GLU L 53 -31.67 -27.74 26.34
CA GLU L 53 -31.31 -26.41 25.92
C GLU L 53 -29.84 -26.19 26.07
N GLU L 54 -29.20 -27.19 26.63
CA GLU L 54 -27.80 -27.03 26.75
C GLU L 54 -27.40 -27.51 25.39
N ILE L 55 -27.88 -28.70 25.04
CA ILE L 55 -27.54 -29.21 23.76
C ILE L 55 -28.18 -28.26 22.82
N GLY L 56 -29.47 -28.04 22.97
CA GLY L 56 -30.15 -27.13 22.06
C GLY L 56 -30.77 -27.97 20.97
N LEU L 57 -32.08 -28.16 21.03
CA LEU L 57 -32.72 -29.02 20.06
C LEU L 57 -34.09 -29.24 20.53
N SER L 58 -35.07 -28.54 20.01
CA SER L 58 -36.44 -28.77 20.46
C SER L 58 -37.47 -28.11 19.56
N TRP L 59 -38.69 -28.65 19.57
CA TRP L 59 -39.76 -28.11 18.76
C TRP L 59 -40.22 -26.70 19.14
N ILE L 60 -40.62 -25.90 18.15
CA ILE L 60 -41.13 -24.55 18.41
C ILE L 60 -42.63 -24.60 18.49
N SER L 61 -43.18 -25.24 17.45
CA SER L 61 -44.61 -25.37 17.26
C SER L 61 -45.05 -26.81 17.18
N ASP L 62 -44.55 -27.50 16.15
CA ASP L 62 -44.98 -28.85 15.94
C ASP L 62 -44.46 -29.19 14.59
N THR L 63 -44.58 -28.21 13.71
CA THR L 63 -44.16 -28.35 12.33
C THR L 63 -42.66 -28.06 12.25
N GLU L 64 -42.27 -27.01 12.96
CA GLU L 64 -40.91 -26.54 13.00
C GLU L 64 -40.20 -26.79 14.33
N PHE L 65 -38.87 -26.79 14.29
CA PHE L 65 -38.03 -27.02 15.45
C PHE L 65 -36.79 -26.16 15.40
N LYS L 66 -36.05 -26.06 16.51
CA LYS L 66 -34.80 -25.28 16.51
C LYS L 66 -33.58 -26.02 17.07
N MET L 67 -32.38 -25.65 16.62
CA MET L 67 -31.21 -26.33 17.15
C MET L 67 -29.95 -25.51 17.10
N LYS L 68 -28.94 -26.00 17.83
CA LYS L 68 -27.60 -25.42 17.91
C LYS L 68 -26.77 -26.50 17.22
N LYS L 69 -26.64 -26.34 15.92
CA LYS L 69 -25.96 -27.34 15.10
C LYS L 69 -24.75 -28.01 15.70
N LYS L 70 -23.78 -27.19 16.03
CA LYS L 70 -22.53 -27.65 16.57
C LYS L 70 -22.72 -28.74 17.58
N ASN L 71 -23.54 -28.44 18.57
CA ASN L 71 -23.77 -29.42 19.61
C ASN L 71 -24.54 -30.58 19.02
N VAL L 72 -25.55 -30.26 18.23
CA VAL L 72 -26.36 -31.32 17.68
C VAL L 72 -25.52 -32.26 16.89
N ALA L 73 -24.50 -31.67 16.29
CA ALA L 73 -23.59 -32.45 15.48
C ALA L 73 -22.81 -33.29 16.44
N LEU L 74 -22.07 -32.58 17.27
CA LEU L 74 -21.22 -33.20 18.26
C LEU L 74 -21.92 -34.36 18.92
N VAL L 75 -23.11 -34.11 19.45
CA VAL L 75 -23.87 -35.13 20.11
C VAL L 75 -24.00 -36.34 19.23
N MET L 76 -24.46 -36.07 18.02
CA MET L 76 -24.72 -37.07 16.99
C MET L 76 -23.49 -37.97 16.73
N GLY L 77 -22.30 -37.42 17.01
CA GLY L 77 -21.06 -38.16 16.81
C GLY L 77 -20.49 -37.95 15.41
N ILE L 78 -20.99 -36.92 14.75
CA ILE L 78 -20.54 -36.67 13.42
C ILE L 78 -19.98 -35.31 13.21
N LYS L 79 -19.25 -35.26 12.11
CA LYS L 79 -18.56 -34.11 11.57
C LYS L 79 -19.56 -32.96 11.50
N LEU L 80 -19.13 -31.71 11.67
CA LEU L 80 -20.14 -30.67 11.58
C LEU L 80 -20.71 -30.70 10.21
N ASN L 81 -20.00 -30.05 9.28
CA ASN L 81 -20.41 -29.94 7.88
C ASN L 81 -21.37 -31.00 7.40
N THR L 82 -20.90 -32.25 7.45
CA THR L 82 -21.74 -33.35 7.00
C THR L 82 -23.16 -33.16 7.59
N LEU L 83 -23.29 -33.02 8.90
CA LEU L 83 -24.61 -32.78 9.45
C LEU L 83 -25.16 -31.56 8.71
N ASN L 84 -24.36 -30.50 8.66
CA ASN L 84 -24.81 -29.29 8.04
C ASN L 84 -25.17 -29.47 6.58
N VAL L 85 -24.70 -30.56 5.99
CA VAL L 85 -25.00 -30.85 4.60
C VAL L 85 -26.28 -31.67 4.55
N ASN L 86 -26.25 -32.81 5.22
CA ASN L 86 -27.38 -33.71 5.30
C ASN L 86 -28.68 -32.93 5.42
N LEU L 87 -28.60 -31.64 5.78
CA LEU L 87 -29.81 -30.83 5.92
C LEU L 87 -30.44 -30.43 4.58
N ARG L 88 -29.75 -29.58 3.85
CA ARG L 88 -30.24 -29.14 2.54
C ARG L 88 -30.35 -30.37 1.63
N ASP L 89 -29.41 -31.29 1.78
CA ASP L 89 -29.41 -32.52 1.00
C ASP L 89 -30.47 -33.50 1.51
N LEU L 90 -31.49 -32.97 2.17
CA LEU L 90 -32.55 -33.82 2.69
C LEU L 90 -33.85 -33.11 3.01
N ALA L 91 -33.94 -31.84 2.64
CA ALA L 91 -35.17 -31.01 2.82
C ALA L 91 -35.13 -29.88 3.84
N PHE L 92 -34.75 -30.19 5.07
CA PHE L 92 -34.67 -29.22 6.17
C PHE L 92 -34.27 -27.83 5.66
N GLU L 93 -35.15 -26.85 5.79
CA GLU L 93 -34.80 -25.50 5.33
C GLU L 93 -34.87 -24.51 6.47
N GLN L 94 -33.83 -23.70 6.62
CA GLN L 94 -33.76 -22.70 7.69
C GLN L 94 -35.03 -21.89 7.77
N LEU L 95 -35.20 -21.03 8.76
CA LEU L 95 -36.41 -20.21 8.83
C LEU L 95 -36.10 -18.91 9.52
N GLN L 96 -34.88 -18.81 10.03
CA GLN L 96 -34.37 -17.62 10.71
C GLN L 96 -32.90 -17.99 10.67
N HIS L 97 -31.97 -17.04 10.79
CA HIS L 97 -30.61 -17.55 10.71
C HIS L 97 -30.05 -18.03 12.00
N ASP L 98 -29.76 -17.10 12.90
CA ASP L 98 -29.10 -17.56 14.09
C ASP L 98 -29.02 -16.51 15.14
N LYS L 99 -29.18 -16.98 16.36
CA LYS L 99 -29.10 -16.13 17.53
C LYS L 99 -28.61 -17.14 18.54
N GLY L 100 -27.75 -16.70 19.43
CA GLY L 100 -27.22 -17.59 20.44
C GLY L 100 -26.71 -18.93 19.94
N GLY L 101 -26.85 -19.22 18.66
CA GLY L 101 -26.37 -20.49 18.18
C GLY L 101 -27.59 -21.32 17.87
N TRP L 102 -28.70 -20.60 17.89
CA TRP L 102 -30.00 -21.16 17.64
C TRP L 102 -30.40 -20.84 16.22
N THR L 103 -30.78 -21.87 15.48
CA THR L 103 -31.17 -21.73 14.10
C THR L 103 -32.35 -22.66 13.80
N GLN L 104 -33.53 -22.10 13.57
CA GLN L 104 -34.74 -22.88 13.26
C GLN L 104 -34.60 -23.85 12.09
N TRP L 105 -35.65 -24.61 11.82
CA TRP L 105 -35.64 -25.59 10.72
C TRP L 105 -36.99 -26.25 10.46
N LYS L 106 -37.29 -26.49 9.18
CA LYS L 106 -38.52 -27.13 8.75
C LYS L 106 -38.24 -28.27 7.77
N ARG L 107 -39.13 -29.25 7.73
CA ARG L 107 -39.00 -30.40 6.85
C ARG L 107 -40.31 -31.17 6.91
N SER L 108 -40.84 -31.51 5.73
CA SER L 108 -42.12 -32.19 5.60
C SER L 108 -42.44 -33.45 6.39
N GLY L 109 -41.85 -34.58 6.04
CA GLY L 109 -42.12 -35.82 6.77
C GLY L 109 -41.51 -35.74 8.16
N PHE L 110 -41.40 -34.49 8.64
CA PHE L 110 -40.81 -34.16 9.92
C PHE L 110 -41.60 -33.25 10.86
N THR L 111 -42.31 -33.91 11.77
CA THR L 111 -43.10 -33.22 12.74
C THR L 111 -43.20 -34.02 14.00
N ARG L 112 -43.40 -33.31 15.10
CA ARG L 112 -43.48 -33.90 16.42
C ARG L 112 -43.78 -35.38 16.56
N ASN L 113 -44.50 -35.96 15.60
CA ASN L 113 -44.82 -37.38 15.70
C ASN L 113 -44.62 -38.17 14.42
N SER L 114 -44.16 -37.50 13.37
CA SER L 114 -43.95 -38.12 12.07
C SER L 114 -43.08 -39.37 12.03
N VAL L 115 -42.33 -39.52 10.94
CA VAL L 115 -41.45 -40.67 10.74
C VAL L 115 -40.00 -40.26 11.03
N MET M 1 21.42 51.00 -32.08
CA MET M 1 20.32 49.99 -32.22
C MET M 1 20.89 48.59 -32.37
N ASP M 2 21.80 48.24 -31.46
CA ASP M 2 22.44 46.94 -31.46
C ASP M 2 21.72 46.01 -30.50
N SER M 3 22.24 44.81 -30.35
CA SER M 3 21.67 43.83 -29.45
C SER M 3 21.11 44.46 -28.17
N ASN M 4 22.01 44.79 -27.25
CA ASN M 4 21.63 45.35 -25.97
C ASN M 4 20.56 46.43 -25.99
N ASP M 5 20.46 47.16 -27.08
CA ASP M 5 19.45 48.21 -27.13
C ASP M 5 18.11 47.70 -27.59
N LEU M 6 18.09 46.96 -28.68
CA LEU M 6 16.83 46.43 -29.17
C LEU M 6 16.00 46.06 -27.96
N GLU M 7 16.53 45.15 -27.16
CA GLU M 7 15.87 44.68 -25.96
C GLU M 7 15.05 45.79 -25.38
N ALA M 8 15.71 46.63 -24.62
CA ALA M 8 15.04 47.74 -23.99
C ALA M 8 14.07 48.47 -24.92
N SER M 9 14.34 48.55 -26.21
CA SER M 9 13.39 49.26 -27.06
C SER M 9 12.02 48.62 -27.19
N PHE M 10 12.00 47.32 -27.51
CA PHE M 10 10.73 46.61 -27.64
C PHE M 10 10.05 46.76 -26.30
N THR M 11 10.66 46.17 -25.28
CA THR M 11 10.12 46.25 -23.95
C THR M 11 9.46 47.58 -23.63
N SER M 12 10.07 48.66 -24.03
CA SER M 12 9.49 49.91 -23.67
C SER M 12 8.21 50.24 -24.40
N ARG M 13 7.94 49.55 -25.49
CA ARG M 13 6.74 49.83 -26.26
C ARG M 13 5.63 48.80 -26.12
N LEU M 14 5.93 47.70 -25.42
CA LEU M 14 4.98 46.63 -25.17
C LEU M 14 4.18 47.12 -23.98
N PRO M 15 2.90 46.78 -23.90
CA PRO M 15 2.08 47.23 -22.76
C PRO M 15 2.67 46.69 -21.43
N PRO M 16 2.46 47.38 -20.31
CA PRO M 16 3.00 46.89 -19.03
C PRO M 16 2.53 45.48 -18.63
N GLU M 17 1.26 45.20 -18.93
CA GLU M 17 0.63 43.93 -18.64
C GLU M 17 1.54 42.90 -19.19
N ILE M 18 1.82 43.04 -20.46
CA ILE M 18 2.67 42.06 -21.06
C ILE M 18 4.06 42.03 -20.52
N VAL M 19 4.74 43.16 -20.38
CA VAL M 19 6.08 43.01 -19.84
C VAL M 19 6.01 42.15 -18.59
N ALA M 20 5.19 42.62 -17.63
CA ALA M 20 5.00 41.94 -16.36
C ALA M 20 4.93 40.44 -16.59
N ALA M 21 4.04 40.03 -17.49
CA ALA M 21 3.87 38.64 -17.83
C ALA M 21 5.19 37.95 -18.21
N LEU M 22 5.85 38.43 -19.25
CA LEU M 22 7.11 37.82 -19.70
C LEU M 22 8.02 37.69 -18.51
N LYS M 23 7.99 38.70 -17.65
CA LYS M 23 8.83 38.77 -16.49
C LYS M 23 8.81 37.58 -15.54
N ARG M 24 7.64 37.22 -15.04
CA ARG M 24 7.53 36.13 -14.06
C ARG M 24 8.23 34.87 -14.45
N LYS M 25 8.69 34.12 -13.45
CA LYS M 25 9.38 32.87 -13.70
C LYS M 25 8.35 31.82 -13.95
N SER M 26 8.69 30.81 -14.75
CA SER M 26 7.75 29.75 -15.07
C SER M 26 7.39 28.95 -13.81
N SER M 27 6.15 28.46 -13.73
CA SER M 27 5.75 27.71 -12.55
C SER M 27 4.53 26.79 -12.65
N ARG M 28 3.57 27.02 -11.76
CA ARG M 28 2.35 26.24 -11.73
C ARG M 28 1.53 26.77 -12.87
N ASP M 29 0.88 27.89 -12.61
CA ASP M 29 0.04 28.54 -13.61
C ASP M 29 0.64 28.41 -15.00
N PRO M 30 -0.12 27.87 -15.95
CA PRO M 30 0.50 27.76 -17.26
C PRO M 30 0.63 29.13 -17.92
N ASN M 31 0.10 30.13 -17.25
CA ASN M 31 0.17 31.47 -17.78
C ASN M 31 1.59 32.01 -17.72
N SER M 32 2.55 31.14 -17.58
CA SER M 32 3.86 31.67 -17.47
C SER M 32 4.85 30.65 -17.84
N ARG M 33 4.42 29.61 -18.54
CA ARG M 33 5.40 28.63 -18.99
C ARG M 33 5.62 29.19 -20.41
N PHE M 34 6.73 28.83 -21.01
CA PHE M 34 7.01 29.32 -22.35
C PHE M 34 5.79 29.44 -23.23
N PRO M 35 5.28 28.33 -23.77
CA PRO M 35 4.12 28.40 -24.64
C PRO M 35 3.21 29.56 -24.42
N ARG M 36 2.35 29.51 -23.42
CA ARG M 36 1.45 30.63 -23.24
C ARG M 36 2.17 31.97 -23.38
N LYS M 37 3.29 32.10 -22.70
CA LYS M 37 4.05 33.34 -22.75
C LYS M 37 4.27 33.82 -24.18
N LEU M 38 4.67 32.90 -25.06
CA LEU M 38 4.93 33.28 -26.41
C LEU M 38 3.68 33.43 -27.22
N HIS M 39 2.77 32.49 -27.07
CA HIS M 39 1.55 32.62 -27.80
C HIS M 39 0.88 33.92 -27.37
N MET M 40 1.37 34.50 -26.30
CA MET M 40 0.81 35.75 -25.90
C MET M 40 1.34 36.76 -26.87
N LEU M 41 2.66 36.74 -27.08
CA LEU M 41 3.30 37.67 -27.99
C LEU M 41 2.64 37.63 -29.32
N LEU M 42 2.45 36.44 -29.90
CA LEU M 42 1.77 36.41 -31.16
C LEU M 42 0.51 37.25 -31.11
N THR M 43 -0.53 36.75 -30.47
CA THR M 43 -1.71 37.57 -30.51
C THR M 43 -1.52 39.07 -30.21
N TYR M 44 -0.54 39.46 -29.41
CA TYR M 44 -0.44 40.91 -29.22
C TYR M 44 0.08 41.61 -30.48
N LEU M 45 1.17 41.10 -31.03
CA LEU M 45 1.72 41.67 -32.24
C LEU M 45 0.67 41.58 -33.34
N ALA M 46 -0.32 40.73 -33.16
CA ALA M 46 -1.36 40.70 -34.17
C ALA M 46 -1.86 42.14 -34.26
N SER M 47 -2.25 42.70 -33.13
CA SER M 47 -2.77 44.04 -33.11
C SER M 47 -1.81 45.20 -33.31
N ASN M 48 -0.53 44.94 -33.34
CA ASN M 48 0.38 46.06 -33.53
C ASN M 48 1.31 45.67 -34.65
N PRO M 49 0.76 45.67 -35.86
CA PRO M 49 1.44 45.33 -37.10
C PRO M 49 2.70 46.12 -37.19
N GLN M 50 2.60 47.38 -36.80
CA GLN M 50 3.78 48.22 -36.88
C GLN M 50 4.90 47.56 -36.14
N LEU M 51 4.72 47.40 -34.84
CA LEU M 51 5.73 46.79 -34.01
C LEU M 51 6.10 45.42 -34.56
N GLU M 52 5.08 44.65 -34.89
CA GLU M 52 5.31 43.33 -35.41
C GLU M 52 6.48 43.36 -36.38
N GLU M 53 6.30 44.10 -37.46
CA GLU M 53 7.30 44.24 -38.51
C GLU M 53 8.72 44.34 -37.98
N GLU M 54 8.89 44.95 -36.80
CA GLU M 54 10.22 45.07 -36.25
C GLU M 54 10.77 43.78 -35.70
N ILE M 55 9.95 43.09 -34.90
CA ILE M 55 10.37 41.85 -34.28
C ILE M 55 10.38 40.65 -35.22
N GLY M 56 9.22 40.33 -35.77
CA GLY M 56 9.16 39.20 -36.68
C GLY M 56 8.65 37.94 -36.00
N LEU M 57 7.35 37.91 -35.79
CA LEU M 57 6.72 36.81 -35.12
C LEU M 57 5.28 36.93 -35.54
N SER M 58 4.83 36.09 -36.45
CA SER M 58 3.44 36.18 -36.87
C SER M 58 2.89 34.89 -37.44
N TRP M 59 1.57 34.81 -37.45
CA TRP M 59 0.84 33.63 -37.93
C TRP M 59 0.80 33.49 -39.44
N ILE M 60 1.49 32.49 -39.95
CA ILE M 60 1.55 32.22 -41.38
C ILE M 60 0.25 31.59 -41.83
N SER M 61 -0.11 30.48 -41.23
CA SER M 61 -1.34 29.82 -41.56
C SER M 61 -2.22 30.23 -40.40
N ASP M 62 -2.86 29.27 -39.77
CA ASP M 62 -3.74 29.54 -38.64
C ASP M 62 -3.57 28.36 -37.71
N THR M 63 -2.37 27.79 -37.89
CA THR M 63 -1.85 26.63 -37.18
C THR M 63 -0.32 26.65 -37.22
N GLU M 64 0.24 27.25 -38.27
CA GLU M 64 1.71 27.38 -38.45
C GLU M 64 2.05 28.86 -38.25
N PHE M 65 3.32 29.17 -37.99
CA PHE M 65 3.72 30.56 -37.82
C PHE M 65 5.20 30.70 -38.05
N LYS M 66 5.65 31.94 -38.22
CA LYS M 66 7.07 32.21 -38.46
C LYS M 66 7.62 33.34 -37.62
N MET M 67 8.93 33.34 -37.52
CA MET M 67 9.57 34.35 -36.70
C MET M 67 11.06 34.42 -36.89
N LYS M 68 11.60 35.54 -36.44
CA LYS M 68 13.02 35.81 -36.45
C LYS M 68 13.32 35.50 -35.00
N LYS M 69 14.03 34.42 -34.72
CA LYS M 69 14.28 34.12 -33.31
C LYS M 69 15.04 35.27 -32.67
N LYS M 70 16.33 35.35 -32.90
CA LYS M 70 17.14 36.45 -32.36
C LYS M 70 16.26 37.58 -31.85
N ASN M 71 15.28 37.95 -32.63
CA ASN M 71 14.38 39.00 -32.23
C ASN M 71 13.48 38.61 -31.09
N VAL M 72 12.61 37.63 -31.34
CA VAL M 72 11.65 37.11 -30.36
C VAL M 72 12.38 36.89 -29.06
N ALA M 73 13.46 36.13 -29.16
CA ALA M 73 14.29 35.83 -28.02
C ALA M 73 14.76 37.08 -27.30
N LEU M 74 14.62 38.25 -27.86
CA LEU M 74 15.12 39.37 -27.10
C LEU M 74 14.00 39.98 -26.36
N VAL M 75 12.79 39.88 -26.89
CA VAL M 75 11.67 40.47 -26.18
C VAL M 75 11.47 39.58 -25.01
N MET M 76 11.35 38.29 -25.30
CA MET M 76 11.16 37.33 -24.25
C MET M 76 12.31 37.54 -23.28
N GLY M 77 13.32 38.26 -23.72
CA GLY M 77 14.42 38.55 -22.82
C GLY M 77 14.94 37.26 -22.25
N ILE M 78 15.71 36.56 -23.03
CA ILE M 78 16.20 35.28 -22.60
C ILE M 78 17.14 34.97 -23.77
N LYS M 79 18.40 34.75 -23.45
CA LYS M 79 19.30 34.51 -24.49
C LYS M 79 18.89 33.37 -25.46
N LEU M 80 19.08 33.65 -26.76
CA LEU M 80 18.75 32.79 -27.87
C LEU M 80 18.79 31.32 -27.57
N ASN M 81 20.01 30.78 -27.43
CA ASN M 81 20.26 29.35 -27.16
C ASN M 81 19.15 28.77 -26.31
N THR M 82 18.93 29.37 -25.15
CA THR M 82 17.85 28.90 -24.30
C THR M 82 16.53 28.97 -25.07
N LEU M 83 16.22 30.06 -25.75
CA LEU M 83 14.97 30.09 -26.53
C LEU M 83 14.96 28.99 -27.59
N ASN M 84 16.14 28.73 -28.11
CA ASN M 84 16.30 27.72 -29.11
C ASN M 84 15.92 26.44 -28.43
N VAL M 85 16.56 26.16 -27.31
CA VAL M 85 16.26 24.91 -26.63
C VAL M 85 14.85 24.82 -26.06
N ASN M 86 14.32 25.90 -25.49
CA ASN M 86 12.94 25.82 -25.05
C ASN M 86 12.18 25.27 -26.23
N LEU M 87 12.43 25.88 -27.38
CA LEU M 87 11.76 25.51 -28.58
C LEU M 87 11.65 24.05 -28.89
N ARG M 88 12.76 23.33 -28.95
CA ARG M 88 12.63 21.92 -29.28
C ARG M 88 12.30 21.14 -28.04
N ASP M 89 12.55 21.72 -26.86
CA ASP M 89 12.26 21.01 -25.62
C ASP M 89 10.78 20.83 -25.42
N LEU M 90 9.95 21.78 -25.84
CA LEU M 90 8.55 21.61 -25.65
C LEU M 90 7.89 21.24 -26.95
N ALA M 91 8.68 20.59 -27.81
CA ALA M 91 8.21 20.10 -29.09
C ALA M 91 7.47 21.04 -30.03
N PHE M 92 8.23 21.95 -30.60
CA PHE M 92 7.72 22.89 -31.57
C PHE M 92 8.46 22.39 -32.79
N GLU M 93 7.76 22.03 -33.85
CA GLU M 93 8.54 21.58 -34.98
C GLU M 93 8.76 22.71 -35.96
N GLN M 94 10.03 22.81 -36.35
CA GLN M 94 10.56 23.80 -37.28
C GLN M 94 10.47 23.19 -38.64
N LEU M 95 9.78 23.85 -39.56
CA LEU M 95 9.68 23.30 -40.89
C LEU M 95 10.29 24.19 -41.98
N GLN M 96 10.84 25.33 -41.57
CA GLN M 96 11.47 26.26 -42.51
C GLN M 96 12.93 26.53 -42.14
N HIS M 97 13.79 25.72 -42.72
CA HIS M 97 15.24 25.75 -42.55
C HIS M 97 15.92 27.07 -42.17
N ASP M 98 15.30 28.19 -42.53
CA ASP M 98 15.77 29.56 -42.25
C ASP M 98 16.12 30.39 -43.46
N LYS M 99 15.25 31.32 -43.78
CA LYS M 99 15.45 32.20 -44.90
C LYS M 99 15.66 33.63 -44.41
N GLY M 100 16.91 33.93 -44.06
CA GLY M 100 17.27 35.26 -43.62
C GLY M 100 16.72 35.68 -42.28
N GLY M 101 17.06 34.91 -41.24
CA GLY M 101 16.59 35.21 -39.91
C GLY M 101 15.18 34.71 -39.65
N TRP M 102 14.47 34.33 -40.71
CA TRP M 102 13.11 33.85 -40.55
C TRP M 102 12.95 32.34 -40.57
N THR M 103 12.38 31.81 -39.48
CA THR M 103 12.14 30.39 -39.41
C THR M 103 10.65 30.17 -39.26
N GLN M 104 10.21 28.95 -39.51
CA GLN M 104 8.78 28.65 -39.45
C GLN M 104 8.42 27.46 -38.57
N TRP M 105 7.29 27.53 -37.87
CA TRP M 105 6.94 26.40 -37.02
C TRP M 105 5.49 26.12 -36.79
N LYS M 106 5.32 25.13 -35.94
CA LYS M 106 4.02 24.72 -35.43
C LYS M 106 4.17 23.71 -34.29
N ARG M 107 3.23 23.73 -33.34
CA ARG M 107 3.22 22.81 -32.23
C ARG M 107 1.79 22.37 -32.16
N SER M 108 1.59 21.07 -31.95
CA SER M 108 0.23 20.53 -31.90
C SER M 108 -0.62 21.44 -31.07
N GLY M 109 -1.85 21.60 -31.54
CA GLY M 109 -2.77 22.46 -30.81
C GLY M 109 -2.30 23.87 -30.53
N PHE M 110 -1.15 24.24 -31.07
CA PHE M 110 -0.66 25.57 -30.85
C PHE M 110 -1.24 26.38 -31.95
N THR M 111 -2.39 27.01 -31.71
CA THR M 111 -3.05 27.75 -32.78
C THR M 111 -3.34 29.24 -32.61
N ARG M 112 -3.83 29.84 -33.68
CA ARG M 112 -4.16 31.24 -33.65
C ARG M 112 -4.87 31.63 -32.39
N ASN M 113 -5.56 30.71 -31.73
CA ASN M 113 -6.28 31.14 -30.53
C ASN M 113 -6.58 30.12 -29.45
N SER M 114 -5.63 29.22 -29.24
CA SER M 114 -5.80 28.19 -28.23
C SER M 114 -4.48 27.50 -28.01
N VAL M 115 -4.13 27.28 -26.75
CA VAL M 115 -2.88 26.62 -26.48
C VAL M 115 -3.14 25.40 -25.68
N PHE M 116 -3.15 24.27 -26.33
CA PHE M 116 -3.39 23.03 -25.66
C PHE M 116 -2.13 22.68 -24.91
N GLU M 117 -2.22 22.32 -23.64
CA GLU M 117 -1.03 21.94 -22.90
C GLU M 117 -1.11 20.50 -22.44
N ASP M 118 -0.23 19.67 -23.00
CA ASP M 118 -0.15 18.23 -22.68
C ASP M 118 0.20 17.43 -23.94
N PHE N 10 -2.43 -43.82 40.88
CA PHE N 10 -2.20 -42.45 41.41
C PHE N 10 -1.40 -41.65 40.42
N THR N 11 -1.38 -42.16 39.21
CA THR N 11 -0.68 -41.57 38.08
C THR N 11 -1.24 -40.20 37.71
N SER N 12 -2.01 -39.62 38.62
CA SER N 12 -2.66 -38.33 38.38
C SER N 12 -2.18 -37.32 39.42
N ARG N 13 -1.42 -37.83 40.38
CA ARG N 13 -0.94 -37.03 41.50
C ARG N 13 0.55 -36.78 41.62
N LEU N 14 1.38 -37.62 41.01
CA LEU N 14 2.81 -37.35 41.10
C LEU N 14 3.09 -36.26 40.06
N PRO N 15 4.15 -35.47 40.21
CA PRO N 15 4.38 -34.43 39.19
C PRO N 15 4.65 -35.11 37.89
N PRO N 16 4.35 -34.44 36.78
CA PRO N 16 4.56 -35.00 35.43
C PRO N 16 5.83 -35.87 35.36
N GLU N 17 6.96 -35.19 35.42
CA GLU N 17 8.28 -35.79 35.39
C GLU N 17 8.22 -37.16 36.01
N ILE N 18 8.11 -37.22 37.33
CA ILE N 18 8.07 -38.49 38.00
C ILE N 18 7.18 -39.53 37.33
N VAL N 19 6.14 -39.11 36.61
CA VAL N 19 5.30 -40.13 36.00
C VAL N 19 6.02 -40.65 34.79
N ALA N 20 6.48 -39.72 33.97
CA ALA N 20 7.19 -40.07 32.75
C ALA N 20 8.36 -40.96 33.12
N ALA N 21 9.19 -40.42 34.00
CA ALA N 21 10.36 -41.11 34.46
C ALA N 21 10.08 -42.59 34.79
N LEU N 22 8.87 -42.86 35.27
CA LEU N 22 8.50 -44.23 35.62
C LEU N 22 7.94 -44.94 34.41
N LYS N 23 7.49 -44.17 33.43
CA LYS N 23 6.92 -44.73 32.22
C LYS N 23 8.00 -45.40 31.39
N ARG N 24 9.14 -44.72 31.25
CA ARG N 24 10.25 -45.29 30.50
C ARG N 24 10.71 -46.59 31.16
N PHE N 34 13.85 -51.19 38.44
CA PHE N 34 13.64 -50.61 39.76
C PHE N 34 14.65 -49.51 40.02
N PRO N 35 15.76 -49.89 40.65
CA PRO N 35 16.81 -48.94 40.95
C PRO N 35 16.38 -47.52 41.26
N ARG N 36 16.88 -46.60 40.44
CA ARG N 36 16.62 -45.17 40.57
C ARG N 36 15.13 -44.89 40.68
N LYS N 37 14.31 -45.57 39.88
CA LYS N 37 12.88 -45.36 39.90
C LYS N 37 12.32 -45.53 41.30
N LEU N 38 12.20 -46.75 41.77
CA LEU N 38 11.67 -46.95 43.11
C LEU N 38 12.34 -46.02 44.09
N HIS N 39 13.59 -45.68 43.82
CA HIS N 39 14.23 -44.79 44.76
C HIS N 39 13.68 -43.37 44.64
N MET N 40 13.97 -42.71 43.51
CA MET N 40 13.50 -41.33 43.24
C MET N 40 12.08 -41.11 43.72
N LEU N 41 11.30 -42.21 43.72
CA LEU N 41 9.92 -42.19 44.15
C LEU N 41 9.88 -41.96 45.64
N LEU N 42 10.64 -42.76 46.39
CA LEU N 42 10.72 -42.54 47.83
C LEU N 42 10.97 -41.06 48.10
N THR N 43 12.04 -40.54 47.51
CA THR N 43 12.44 -39.16 47.68
C THR N 43 11.35 -38.14 47.42
N TYR N 44 10.37 -38.49 46.61
CA TYR N 44 9.29 -37.54 46.37
C TYR N 44 8.34 -37.68 47.52
N LEU N 45 7.72 -38.85 47.56
CA LEU N 45 6.73 -39.18 48.56
C LEU N 45 7.10 -38.82 49.98
N ALA N 46 8.38 -38.64 50.27
CA ALA N 46 8.75 -38.27 51.62
C ALA N 46 8.51 -36.76 51.75
N SER N 47 8.03 -36.17 50.65
CA SER N 47 7.77 -34.74 50.60
C SER N 47 6.32 -34.36 50.36
N ASN N 48 5.44 -35.32 50.56
CA ASN N 48 3.99 -35.16 50.46
C ASN N 48 3.47 -36.26 51.38
N PRO N 49 3.32 -35.94 52.66
CA PRO N 49 2.85 -36.86 53.69
C PRO N 49 1.71 -37.67 53.17
N GLN N 50 0.61 -36.99 52.91
CA GLN N 50 -0.56 -37.67 52.42
C GLN N 50 -0.27 -38.60 51.28
N LEU N 51 0.36 -38.12 50.23
CA LEU N 51 0.58 -39.04 49.13
C LEU N 51 1.30 -40.31 49.56
N GLU N 52 2.28 -40.18 50.45
CA GLU N 52 3.03 -41.36 50.89
C GLU N 52 2.25 -42.39 51.68
N GLU N 53 1.59 -41.97 52.75
CA GLU N 53 0.84 -42.96 53.51
C GLU N 53 -0.19 -43.62 52.58
N GLU N 54 -0.70 -42.85 51.63
CA GLU N 54 -1.70 -43.36 50.70
C GLU N 54 -1.22 -44.35 49.66
N ILE N 55 -0.18 -43.98 48.91
CA ILE N 55 0.36 -44.87 47.90
C ILE N 55 0.83 -46.07 48.66
N GLY N 56 1.56 -45.76 49.74
CA GLY N 56 2.17 -46.74 50.64
C GLY N 56 3.67 -46.93 50.44
N LEU N 57 4.49 -45.97 50.82
CA LEU N 57 5.90 -46.15 50.58
C LEU N 57 6.72 -44.97 51.05
N SER N 58 7.41 -45.15 52.16
CA SER N 58 8.25 -44.11 52.73
C SER N 58 9.37 -44.77 53.52
N TRP N 59 10.29 -43.96 54.03
CA TRP N 59 11.44 -44.48 54.77
C TRP N 59 11.33 -44.46 56.27
N ILE N 60 12.07 -45.37 56.91
CA ILE N 60 12.11 -45.43 58.37
C ILE N 60 13.53 -45.00 58.82
N SER N 61 14.50 -45.90 58.61
CA SER N 61 15.90 -45.71 58.99
C SER N 61 16.73 -44.85 58.06
N ASP N 62 17.19 -45.50 56.99
CA ASP N 62 18.00 -44.88 55.96
C ASP N 62 18.23 -46.01 54.99
N THR N 63 17.93 -47.21 55.46
CA THR N 63 18.08 -48.41 54.66
C THR N 63 16.89 -49.36 54.87
N GLU N 64 16.04 -49.04 55.84
CA GLU N 64 14.87 -49.86 56.15
C GLU N 64 13.60 -49.03 55.90
N PHE N 65 12.80 -49.40 54.90
CA PHE N 65 11.58 -48.64 54.59
C PHE N 65 10.24 -49.39 54.59
N LYS N 66 9.16 -48.60 54.57
CA LYS N 66 7.74 -49.05 54.54
C LYS N 66 7.24 -49.13 53.10
N MET N 67 6.46 -50.16 52.77
CA MET N 67 5.93 -50.31 51.41
C MET N 67 4.66 -51.16 51.38
N LYS N 68 3.81 -50.91 50.39
CA LYS N 68 2.56 -51.66 50.24
C LYS N 68 2.49 -52.17 48.82
N LYS N 69 3.32 -53.16 48.54
CA LYS N 69 3.41 -53.78 47.22
C LYS N 69 2.38 -53.29 46.20
N LYS N 70 1.23 -53.96 46.19
CA LYS N 70 0.15 -53.65 45.26
C LYS N 70 0.16 -52.22 44.79
N ASN N 71 -0.17 -51.30 45.69
CA ASN N 71 -0.19 -49.91 45.29
C ASN N 71 1.11 -49.53 44.57
N VAL N 72 2.23 -49.83 45.20
CA VAL N 72 3.50 -49.51 44.59
C VAL N 72 3.63 -50.03 43.16
N ALA N 73 3.15 -51.24 42.91
CA ALA N 73 3.22 -51.84 41.57
C ALA N 73 2.52 -50.93 40.60
N LEU N 74 1.22 -50.77 40.87
CA LEU N 74 0.32 -49.95 40.09
C LEU N 74 0.92 -48.59 39.75
N VAL N 75 1.48 -47.93 40.75
CA VAL N 75 2.08 -46.62 40.54
C VAL N 75 3.17 -46.67 39.51
N MET N 76 3.87 -47.79 39.50
CA MET N 76 5.02 -47.99 38.63
C MET N 76 4.71 -48.52 37.23
N GLY N 77 3.59 -49.20 37.09
CA GLY N 77 3.21 -49.73 35.80
C GLY N 77 3.47 -51.21 35.78
N ILE N 78 4.19 -51.66 36.79
CA ILE N 78 4.52 -53.06 36.91
C ILE N 78 3.26 -53.85 37.19
N LYS N 79 3.37 -55.16 37.03
CA LYS N 79 2.27 -56.08 37.32
C LYS N 79 2.64 -56.44 38.76
N LEU N 80 1.89 -57.32 39.43
CA LEU N 80 2.27 -57.63 40.80
C LEU N 80 3.56 -58.45 40.84
N ASN N 81 3.40 -59.78 40.73
CA ASN N 81 4.53 -60.67 40.74
C ASN N 81 5.74 -60.03 40.09
N THR N 82 5.58 -59.57 38.85
CA THR N 82 6.69 -58.95 38.14
C THR N 82 7.25 -57.73 38.86
N LEU N 83 6.93 -57.61 40.13
CA LEU N 83 7.40 -56.54 41.00
C LEU N 83 7.82 -57.31 42.23
N ASN N 84 6.88 -58.12 42.71
CA ASN N 84 7.08 -58.98 43.86
C ASN N 84 8.39 -59.73 43.64
N VAL N 85 8.77 -59.88 42.37
CA VAL N 85 9.99 -60.61 42.05
C VAL N 85 11.19 -59.74 41.73
N ASN N 86 11.03 -58.73 40.88
CA ASN N 86 12.16 -57.87 40.55
C ASN N 86 12.70 -57.38 41.88
N LEU N 87 11.89 -57.59 42.90
CA LEU N 87 12.16 -57.22 44.29
C LEU N 87 12.94 -58.34 44.99
N ARG N 88 12.29 -59.49 45.10
CA ARG N 88 12.85 -60.69 45.73
C ARG N 88 14.19 -61.11 45.12
N ASP N 89 14.27 -61.00 43.79
CA ASP N 89 15.45 -61.39 43.03
C ASP N 89 16.34 -60.24 42.57
N LEU N 90 16.66 -59.31 43.47
CA LEU N 90 17.55 -58.22 43.10
C LEU N 90 18.04 -57.50 44.33
N ALA N 91 18.20 -58.25 45.42
CA ALA N 91 18.74 -57.74 46.68
C ALA N 91 17.81 -57.11 47.70
N PHE N 92 16.51 -57.33 47.56
CA PHE N 92 15.59 -56.74 48.52
C PHE N 92 15.20 -57.72 49.61
N GLU N 93 15.44 -57.30 50.84
CA GLU N 93 15.22 -58.11 52.03
C GLU N 93 13.94 -57.87 52.83
N GLN N 94 12.99 -58.79 52.68
CA GLN N 94 11.72 -58.70 53.40
C GLN N 94 12.05 -58.81 54.88
N LEU N 95 11.01 -58.89 55.71
CA LEU N 95 11.17 -59.01 57.16
C LEU N 95 9.90 -58.72 57.93
N GLN N 96 8.74 -58.98 57.32
CA GLN N 96 7.43 -58.76 57.94
C GLN N 96 6.30 -59.49 57.21
N HIS N 97 6.26 -59.22 55.91
CA HIS N 97 5.27 -59.73 54.93
C HIS N 97 3.95 -58.98 54.90
N ASP N 98 3.56 -58.33 56.00
CA ASP N 98 2.31 -57.58 56.02
C ASP N 98 2.02 -56.72 57.25
N LYS N 99 0.74 -56.75 57.64
CA LYS N 99 0.17 -56.01 58.76
C LYS N 99 -0.45 -54.77 58.14
N GLY N 100 -1.75 -54.82 57.89
CA GLY N 100 -2.43 -53.68 57.30
C GLY N 100 -1.99 -53.35 55.87
N GLY N 101 -1.36 -54.31 55.21
CA GLY N 101 -0.93 -54.10 53.83
C GLY N 101 0.51 -53.65 53.61
N TRP N 102 1.16 -53.21 54.68
CA TRP N 102 2.54 -52.77 54.55
C TRP N 102 3.52 -53.88 54.81
N THR N 103 4.71 -53.71 54.24
CA THR N 103 5.78 -54.67 54.41
C THR N 103 7.02 -53.83 54.62
N GLN N 104 7.89 -54.22 55.54
CA GLN N 104 9.10 -53.46 55.77
C GLN N 104 10.20 -54.13 54.96
N TRP N 105 11.09 -53.35 54.35
CA TRP N 105 12.13 -53.96 53.53
C TRP N 105 13.50 -53.28 53.61
N LYS N 106 14.50 -53.88 52.86
CA LYS N 106 15.87 -53.37 52.82
C LYS N 106 16.65 -54.01 51.67
N ARG N 107 17.76 -53.26 51.29
CA ARG N 107 18.71 -53.65 50.25
C ARG N 107 19.91 -52.76 50.52
N SER N 108 21.10 -53.28 50.25
CA SER N 108 22.34 -52.54 50.45
C SER N 108 22.33 -51.30 49.57
N GLY N 109 23.30 -50.41 49.77
CA GLY N 109 23.37 -49.20 48.96
C GLY N 109 22.10 -48.34 48.89
N PHE N 110 21.01 -48.77 49.54
CA PHE N 110 19.79 -47.98 49.51
C PHE N 110 19.72 -47.06 50.72
N THR N 111 19.78 -45.77 50.45
CA THR N 111 19.77 -44.77 51.50
C THR N 111 19.09 -43.50 51.02
N ARG N 112 18.40 -42.81 51.93
CA ARG N 112 17.74 -41.58 51.54
C ARG N 112 18.73 -40.53 51.04
N ASN N 113 20.00 -40.91 51.01
CA ASN N 113 21.04 -40.01 50.54
C ASN N 113 21.31 -40.32 49.08
N SER N 114 21.49 -41.60 48.76
CA SER N 114 21.74 -42.05 47.40
C SER N 114 21.84 -43.58 47.33
N VAL N 115 22.18 -44.10 46.16
CA VAL N 115 22.32 -45.55 45.96
C VAL N 115 23.24 -45.84 44.78
S SO4 O . -24.43 -21.76 9.23
O1 SO4 O . -24.88 -22.45 8.01
O2 SO4 O . -25.60 -21.13 9.89
O3 SO4 O . -23.45 -20.71 8.88
O4 SO4 O . -23.78 -22.74 10.13
S SO4 P . 2.10 -61.48 48.14
O1 SO4 P . 3.18 -62.24 47.48
O2 SO4 P . 2.68 -60.51 49.08
O3 SO4 P . 1.26 -62.43 48.89
O4 SO4 P . 1.30 -60.79 47.12
#